data_7Y9V
#
_entry.id   7Y9V
#
_cell.length_a   1.00
_cell.length_b   1.00
_cell.length_c   1.00
_cell.angle_alpha   90.00
_cell.angle_beta   90.00
_cell.angle_gamma   90.00
#
_symmetry.space_group_name_H-M   'P 1'
#
loop_
_entity.id
_entity.type
_entity.pdbx_description
1 polymer 'Auxin efflux carrier component 1'
2 polymer nanobody
3 non-polymer '1H-INDOL-3-YLACETIC ACID'
4 water water
#
loop_
_entity_poly.entity_id
_entity_poly.type
_entity_poly.pdbx_seq_one_letter_code
_entity_poly.pdbx_strand_id
1 'polypeptide(L)'
;MITAADFYHVMTAMVPLYVAMILAYGSVKWWKIFTPDQCSGINRFVALFAVPLLSFHFIAANNPYAMNLRFLAADSLQKV
IVLSLLFLWCKLSRNGSLDWTITLFSLSTLPNTLVMGIPLLKGMYGNFSGDLMVQIVVLQCIIWYTLMLFLFEYRGAKLL
ISEQFPDTAGSIVSIHVDSDIMSLDGRQPLETEAEIKEDGKLHVTVRRSNASRSDIYSRRSQGLSATPRPSNLTNAEIYS
LQSSRNPTPRGSSFNHTDFYSMMASGGGRNSNFGPGEAVFGSKGPTPRPSNYEEDGGPAKPTAAGTAAGAGRFHYQSGGS
GGGGGAHYPAPNPGMFSPNTGGGGGTAAKGNAPVVGGKRQDGNGRDLHMFVWSSSASPVSDVFGGGGGNHHADYSTATND
HQKDVKISVPQGNSNDNQYVEREEFSFGNKDDDSKVLATDGGNNISNKTTQAKVMPPTSVMTRLILIMVWRKLIRNPNSY
SSLFGITWSLISFKWNIEMPALIAKSISILSDAGLGMAMFSLGLFMALNPRIIACGNRRAAFAAAMRFVVGPAVMLVASY
AVGLRGVLLHVAIIQAALPQGIVPFVFAKEYNVHPDILSTAVIFGMLIALPITLLYYILLGL
;
A,B
2 'polypeptide(L)'
;GSSSQVQLVESGGGLVQAGGSLRLSCAASGFPVNISWMEWYRQVPGKEREWVAAIQSTGSYTWYADSVKGRFTISRDNAK
NTVYLQMNSLKPEDTAVYYCRVKVGAYYRGQGTQVTVSAGRAG
;
C,D
#
# COMPACT_ATOMS: atom_id res chain seq x y z
N MET A 1 -19.16 -9.83 41.16
CA MET A 1 -17.80 -10.34 41.08
C MET A 1 -17.62 -11.19 39.83
N ILE A 2 -16.38 -11.29 39.36
CA ILE A 2 -16.09 -12.03 38.14
C ILE A 2 -15.16 -13.18 38.47
N THR A 3 -15.32 -14.26 37.71
CA THR A 3 -14.45 -15.42 37.84
C THR A 3 -13.22 -15.26 36.95
N ALA A 4 -12.13 -15.91 37.34
CA ALA A 4 -10.86 -15.73 36.66
C ALA A 4 -10.81 -16.43 35.32
N ALA A 5 -11.76 -17.31 35.02
CA ALA A 5 -11.85 -17.87 33.67
C ALA A 5 -12.57 -16.93 32.73
N ASP A 6 -13.49 -16.11 33.24
CA ASP A 6 -14.17 -15.15 32.39
C ASP A 6 -13.28 -13.98 32.03
N PHE A 7 -12.22 -13.75 32.82
CA PHE A 7 -11.19 -12.80 32.42
C PHE A 7 -10.34 -13.36 31.29
N TYR A 8 -10.27 -14.67 31.13
CA TYR A 8 -9.49 -15.23 30.05
C TYR A 8 -10.22 -15.13 28.72
N HIS A 9 -11.56 -15.16 28.73
CA HIS A 9 -12.29 -15.00 27.49
C HIS A 9 -12.21 -13.59 26.95
N VAL A 10 -12.00 -12.61 27.81
CA VAL A 10 -11.81 -11.24 27.35
C VAL A 10 -10.44 -11.09 26.71
N MET A 11 -9.41 -11.67 27.32
CA MET A 11 -8.07 -11.60 26.75
C MET A 11 -7.95 -12.41 25.46
N THR A 12 -8.74 -13.47 25.34
CA THR A 12 -8.75 -14.27 24.11
C THR A 12 -9.31 -13.47 22.94
N ALA A 13 -10.18 -12.50 23.21
CA ALA A 13 -10.83 -11.72 22.17
C ALA A 13 -10.24 -10.34 21.99
N MET A 14 -9.29 -9.92 22.84
CA MET A 14 -8.78 -8.55 22.78
C MET A 14 -7.29 -8.48 22.51
N VAL A 15 -6.53 -9.41 23.09
CA VAL A 15 -5.09 -9.48 22.78
C VAL A 15 -4.81 -9.77 21.30
N PRO A 16 -5.61 -10.58 20.58
CA PRO A 16 -5.42 -10.62 19.11
C PRO A 16 -5.62 -9.31 18.38
N LEU A 17 -6.33 -8.34 18.96
CA LEU A 17 -6.45 -7.05 18.31
C LEU A 17 -5.21 -6.19 18.49
N TYR A 18 -4.56 -6.26 19.65
CA TYR A 18 -3.36 -5.48 19.90
C TYR A 18 -2.11 -6.10 19.31
N VAL A 19 -2.12 -7.40 19.05
CA VAL A 19 -1.02 -8.02 18.34
C VAL A 19 -0.97 -7.51 16.91
N ALA A 20 -2.11 -7.40 16.25
CA ALA A 20 -2.17 -6.86 14.90
C ALA A 20 -1.85 -5.39 14.83
N MET A 21 -1.98 -4.67 15.95
CA MET A 21 -1.77 -3.22 15.97
C MET A 21 -0.33 -2.86 16.27
N ILE A 22 0.36 -3.65 17.10
CA ILE A 22 1.74 -3.35 17.43
C ILE A 22 2.68 -3.84 16.32
N LEU A 23 2.30 -4.90 15.60
CA LEU A 23 3.07 -5.30 14.42
C LEU A 23 3.04 -4.25 13.33
N ALA A 24 2.01 -3.43 13.26
CA ALA A 24 1.99 -2.36 12.29
C ALA A 24 2.61 -1.09 12.82
N TYR A 25 2.52 -0.84 14.12
CA TYR A 25 3.31 0.23 14.70
C TYR A 25 4.79 -0.09 14.66
N GLY A 26 5.14 -1.36 14.74
CA GLY A 26 6.54 -1.73 14.65
C GLY A 26 7.07 -1.65 13.23
N SER A 27 6.25 -1.99 12.25
CA SER A 27 6.72 -2.05 10.87
C SER A 27 6.88 -0.68 10.22
N VAL A 28 6.54 0.40 10.92
CA VAL A 28 6.77 1.75 10.45
C VAL A 28 7.70 2.52 11.38
N LYS A 29 7.39 2.54 12.66
CA LYS A 29 8.17 3.32 13.60
C LYS A 29 9.51 2.67 13.90
N TRP A 30 9.52 1.36 14.12
CA TRP A 30 10.70 0.66 14.61
C TRP A 30 11.54 0.08 13.48
N TRP A 31 10.95 -0.75 12.62
CA TRP A 31 11.75 -1.53 11.69
C TRP A 31 11.61 -1.10 10.24
N LYS A 32 10.84 -0.04 9.96
CA LYS A 32 10.91 0.74 8.72
C LYS A 32 10.60 -0.10 7.48
N ILE A 33 9.59 -0.95 7.59
CA ILE A 33 9.21 -1.79 6.46
C ILE A 33 8.46 -0.98 5.41
N PHE A 34 7.44 -0.24 5.82
CA PHE A 34 6.54 0.43 4.89
C PHE A 34 6.94 1.88 4.72
N THR A 35 7.15 2.27 3.47
CA THR A 35 7.23 3.67 3.10
C THR A 35 5.88 4.32 3.37
N PRO A 36 5.83 5.58 3.81
CA PRO A 36 4.54 6.26 4.03
C PRO A 36 3.65 6.40 2.80
N ASP A 37 4.15 6.16 1.59
CA ASP A 37 3.26 6.02 0.45
C ASP A 37 2.76 4.59 0.29
N GLN A 38 3.61 3.59 0.59
CA GLN A 38 3.14 2.21 0.67
C GLN A 38 2.15 2.03 1.81
N CYS A 39 2.40 2.72 2.92
CA CYS A 39 1.57 2.61 4.11
C CYS A 39 0.18 3.17 3.89
N SER A 40 0.03 4.10 2.94
CA SER A 40 -1.24 4.67 2.57
C SER A 40 -1.95 3.88 1.49
N GLY A 41 -1.45 2.70 1.15
CA GLY A 41 -2.11 1.86 0.18
C GLY A 41 -2.84 0.75 0.89
N ILE A 42 -2.42 0.49 2.13
CA ILE A 42 -3.12 -0.45 2.97
C ILE A 42 -4.33 0.21 3.63
N ASN A 43 -4.22 1.48 4.01
CA ASN A 43 -5.38 2.22 4.48
C ASN A 43 -6.43 2.39 3.40
N ARG A 44 -5.98 2.53 2.16
CA ARG A 44 -6.91 2.63 1.04
C ARG A 44 -7.69 1.33 0.93
N PHE A 45 -7.00 0.21 1.01
CA PHE A 45 -7.67 -1.08 0.86
C PHE A 45 -8.68 -1.33 1.97
N VAL A 46 -8.31 -1.01 3.20
CA VAL A 46 -9.18 -1.29 4.34
C VAL A 46 -10.40 -0.38 4.31
N ALA A 47 -10.24 0.88 3.93
CA ALA A 47 -11.34 1.82 3.93
C ALA A 47 -12.36 1.53 2.84
N LEU A 48 -12.00 0.81 1.79
CA LEU A 48 -12.91 0.58 0.67
C LEU A 48 -13.37 -0.86 0.56
N PHE A 49 -12.49 -1.83 0.81
CA PHE A 49 -12.81 -3.22 0.56
C PHE A 49 -13.01 -4.05 1.81
N ALA A 50 -12.30 -3.77 2.89
CA ALA A 50 -12.31 -4.70 4.01
C ALA A 50 -13.38 -4.36 5.04
N VAL A 51 -13.53 -3.10 5.39
CA VAL A 51 -14.54 -2.68 6.37
C VAL A 51 -15.95 -2.63 5.77
N PRO A 52 -16.18 -2.19 4.52
CA PRO A 52 -17.53 -2.40 3.94
C PRO A 52 -17.91 -3.84 3.72
N LEU A 53 -16.97 -4.78 3.69
CA LEU A 53 -17.36 -6.17 3.66
C LEU A 53 -17.44 -6.78 5.04
N LEU A 54 -16.74 -6.20 6.02
CA LEU A 54 -16.90 -6.64 7.39
C LEU A 54 -18.23 -6.16 7.97
N SER A 55 -18.63 -4.93 7.63
CA SER A 55 -19.91 -4.44 8.12
C SER A 55 -21.07 -5.04 7.36
N PHE A 56 -20.87 -5.48 6.13
CA PHE A 56 -21.92 -6.22 5.43
C PHE A 56 -22.15 -7.56 6.10
N HIS A 57 -21.06 -8.25 6.47
CA HIS A 57 -21.12 -9.58 7.07
C HIS A 57 -21.89 -9.60 8.37
N PHE A 58 -21.81 -8.52 9.14
CA PHE A 58 -22.52 -8.42 10.41
C PHE A 58 -23.96 -8.01 10.21
N ILE A 59 -24.21 -7.05 9.32
CA ILE A 59 -25.58 -6.54 9.14
C ILE A 59 -26.44 -7.56 8.43
N ALA A 60 -25.89 -8.27 7.44
CA ALA A 60 -26.68 -9.25 6.70
C ALA A 60 -27.01 -10.49 7.53
N ALA A 61 -26.31 -10.73 8.62
CA ALA A 61 -26.63 -11.82 9.53
C ALA A 61 -27.45 -11.37 10.72
N ASN A 62 -27.81 -10.09 10.78
CA ASN A 62 -28.71 -9.61 11.81
C ASN A 62 -30.14 -10.01 11.48
N ASN A 63 -30.96 -10.17 12.50
CA ASN A 63 -32.38 -10.42 12.30
C ASN A 63 -33.11 -9.12 12.60
N PRO A 64 -33.57 -8.39 11.59
CA PRO A 64 -34.22 -7.10 11.85
C PRO A 64 -35.62 -7.21 12.41
N TYR A 65 -36.17 -8.41 12.53
CA TYR A 65 -37.48 -8.62 13.11
C TYR A 65 -37.41 -9.00 14.57
N ALA A 66 -36.22 -9.22 15.11
CA ALA A 66 -36.05 -9.64 16.48
C ALA A 66 -35.04 -8.75 17.19
N MET A 67 -35.03 -7.47 16.84
CA MET A 67 -34.13 -6.52 17.49
C MET A 67 -34.72 -6.10 18.83
N ASN A 68 -33.88 -6.04 19.85
CA ASN A 68 -34.30 -5.71 21.21
C ASN A 68 -34.62 -4.23 21.26
N LEU A 69 -35.90 -3.89 21.17
CA LEU A 69 -36.29 -2.50 21.00
C LEU A 69 -36.22 -1.73 22.31
N ARG A 70 -36.19 -2.40 23.44
CA ARG A 70 -36.00 -1.69 24.70
C ARG A 70 -34.54 -1.31 24.88
N PHE A 71 -33.63 -2.23 24.55
CA PHE A 71 -32.20 -1.92 24.56
C PHE A 71 -31.87 -0.88 23.51
N LEU A 72 -32.54 -0.92 22.37
CA LEU A 72 -32.21 -0.05 21.26
C LEU A 72 -32.67 1.38 21.49
N ALA A 73 -33.62 1.58 22.40
CA ALA A 73 -34.09 2.92 22.72
C ALA A 73 -33.21 3.59 23.74
N ALA A 74 -32.44 2.81 24.51
CA ALA A 74 -31.52 3.41 25.46
C ALA A 74 -30.29 3.97 24.78
N ASP A 75 -29.91 3.41 23.64
CA ASP A 75 -28.80 3.94 22.88
C ASP A 75 -29.20 5.16 22.07
N SER A 76 -30.46 5.23 21.65
CA SER A 76 -30.96 6.37 20.91
C SER A 76 -31.56 7.44 21.81
N LEU A 77 -31.47 7.27 23.13
CA LEU A 77 -31.81 8.31 24.08
C LEU A 77 -30.58 8.89 24.74
N GLN A 78 -29.47 8.16 24.76
CA GLN A 78 -28.16 8.76 24.96
C GLN A 78 -27.92 9.89 23.99
N LYS A 79 -28.15 9.64 22.70
CA LYS A 79 -27.79 10.56 21.64
C LYS A 79 -28.85 11.61 21.40
N VAL A 80 -29.87 11.68 22.25
CA VAL A 80 -30.81 12.79 22.25
C VAL A 80 -30.61 13.67 23.48
N ILE A 81 -30.32 13.06 24.64
CA ILE A 81 -29.97 13.83 25.82
C ILE A 81 -28.66 14.59 25.59
N VAL A 82 -27.72 13.98 24.88
CA VAL A 82 -26.49 14.67 24.54
C VAL A 82 -26.76 15.76 23.51
N LEU A 83 -27.54 15.44 22.49
CA LEU A 83 -27.71 16.36 21.39
C LEU A 83 -28.72 17.46 21.70
N SER A 84 -29.55 17.29 22.73
CA SER A 84 -30.38 18.40 23.17
C SER A 84 -29.61 19.41 23.98
N LEU A 85 -28.71 18.96 24.85
CA LEU A 85 -27.93 19.87 25.66
C LEU A 85 -26.93 20.65 24.83
N LEU A 86 -26.47 20.08 23.72
CA LEU A 86 -25.62 20.83 22.81
C LEU A 86 -26.41 21.85 22.01
N PHE A 87 -27.66 21.53 21.66
CA PHE A 87 -28.52 22.53 21.00
C PHE A 87 -28.88 23.66 21.94
N LEU A 88 -29.10 23.36 23.22
CA LEU A 88 -29.35 24.37 24.23
C LEU A 88 -28.07 24.86 24.87
N TRP A 89 -26.95 24.78 24.17
CA TRP A 89 -25.73 25.43 24.57
C TRP A 89 -25.21 26.41 23.54
N CYS A 90 -25.29 26.05 22.25
CA CYS A 90 -24.87 26.97 21.21
C CYS A 90 -25.86 28.11 21.03
N LYS A 91 -27.13 27.90 21.35
CA LYS A 91 -28.13 28.95 21.20
C LYS A 91 -28.17 29.89 22.40
N LEU A 92 -27.94 29.38 23.61
CA LEU A 92 -27.99 30.22 24.79
C LEU A 92 -26.68 30.98 25.00
N SER A 93 -25.60 30.27 25.23
CA SER A 93 -24.33 30.92 25.52
C SER A 93 -23.67 31.41 24.24
N ARG A 94 -23.13 32.63 24.30
CA ARG A 94 -22.59 33.26 23.10
C ARG A 94 -21.25 32.68 22.69
N ASN A 95 -20.55 31.97 23.58
CA ASN A 95 -19.28 31.38 23.21
C ASN A 95 -19.43 30.06 22.47
N GLY A 96 -20.64 29.50 22.44
CA GLY A 96 -20.83 28.22 21.80
C GLY A 96 -20.81 28.33 20.28
N SER A 97 -20.26 27.30 19.65
CA SER A 97 -20.09 27.29 18.21
C SER A 97 -20.66 25.99 17.66
N LEU A 98 -20.71 25.88 16.35
CA LEU A 98 -21.11 24.65 15.70
C LEU A 98 -19.93 23.73 15.45
N ASP A 99 -18.71 24.24 15.54
CA ASP A 99 -17.54 23.40 15.40
C ASP A 99 -17.34 22.51 16.62
N TRP A 100 -17.84 22.90 17.79
CA TRP A 100 -17.76 22.06 18.98
C TRP A 100 -18.97 21.17 19.17
N THR A 101 -20.11 21.55 18.61
CA THR A 101 -21.27 20.67 18.68
C THR A 101 -21.04 19.39 17.90
N ILE A 102 -20.29 19.45 16.81
CA ILE A 102 -20.00 18.23 16.08
C ILE A 102 -18.90 17.45 16.79
N THR A 103 -17.98 18.15 17.44
CA THR A 103 -16.88 17.46 18.11
C THR A 103 -17.36 16.76 19.37
N LEU A 104 -18.14 17.46 20.21
CA LEU A 104 -18.62 16.86 21.43
C LEU A 104 -19.69 15.82 21.20
N PHE A 105 -20.31 15.78 20.02
CA PHE A 105 -21.22 14.71 19.71
C PHE A 105 -20.47 13.46 19.27
N SER A 106 -19.33 13.62 18.61
CA SER A 106 -18.54 12.46 18.23
C SER A 106 -17.77 11.91 19.42
N LEU A 107 -17.27 12.79 20.28
CA LEU A 107 -16.46 12.36 21.40
C LEU A 107 -17.24 11.70 22.51
N SER A 108 -18.54 11.87 22.57
CA SER A 108 -19.27 11.36 23.71
C SER A 108 -20.29 10.30 23.37
N THR A 109 -20.66 10.12 22.11
CA THR A 109 -21.74 9.18 21.79
C THR A 109 -21.43 8.16 20.71
N LEU A 110 -20.34 8.26 19.97
CA LEU A 110 -20.09 7.36 18.85
C LEU A 110 -18.83 6.55 19.08
N PRO A 111 -18.93 5.37 19.69
CA PRO A 111 -17.74 4.56 19.93
C PRO A 111 -17.33 3.69 18.76
N ASN A 112 -16.35 2.76 18.97
CA ASN A 112 -15.86 1.77 17.97
C ASN A 112 -16.53 0.57 18.23
N THR A 113 -17.71 0.44 17.72
CA THR A 113 -18.54 -0.71 18.01
C THR A 113 -18.29 -1.85 17.03
N LEU A 114 -17.83 -1.55 15.81
CA LEU A 114 -17.76 -2.58 14.79
C LEU A 114 -16.52 -3.45 14.97
N VAL A 115 -15.36 -2.83 15.11
CA VAL A 115 -14.12 -3.61 15.11
C VAL A 115 -13.72 -4.02 16.52
N MET A 116 -13.93 -3.24 17.54
CA MET A 116 -13.64 -3.63 18.86
C MET A 116 -14.77 -3.77 19.76
N GLY A 117 -15.98 -3.44 19.40
CA GLY A 117 -17.11 -3.66 20.30
C GLY A 117 -17.77 -5.00 20.17
N ILE A 118 -17.88 -5.53 18.96
CA ILE A 118 -18.47 -6.85 18.77
C ILE A 118 -17.53 -7.94 19.29
N PRO A 119 -16.20 -7.95 19.02
CA PRO A 119 -15.36 -8.97 19.68
C PRO A 119 -15.26 -8.81 21.18
N LEU A 120 -15.25 -7.59 21.71
CA LEU A 120 -15.09 -7.40 23.14
C LEU A 120 -16.30 -7.89 23.92
N LEU A 121 -17.49 -7.40 23.58
CA LEU A 121 -18.67 -7.73 24.37
C LEU A 121 -19.14 -9.15 24.14
N LYS A 122 -18.67 -9.81 23.08
CA LYS A 122 -18.99 -11.22 22.89
C LYS A 122 -18.21 -12.09 23.86
N GLY A 123 -16.98 -11.72 24.18
CA GLY A 123 -16.23 -12.46 25.17
C GLY A 123 -16.65 -12.17 26.59
N MET A 124 -17.13 -10.97 26.86
CA MET A 124 -17.44 -10.59 28.23
C MET A 124 -18.76 -11.22 28.69
N TYR A 125 -19.79 -11.14 27.86
CA TYR A 125 -21.11 -11.59 28.26
C TYR A 125 -21.65 -12.76 27.46
N GLY A 126 -21.20 -12.98 26.24
CA GLY A 126 -21.64 -14.15 25.53
C GLY A 126 -22.11 -13.87 24.11
N ASN A 127 -22.84 -14.81 23.53
CA ASN A 127 -23.27 -14.67 22.14
C ASN A 127 -24.46 -13.75 21.98
N PHE A 128 -25.16 -13.40 23.05
CA PHE A 128 -26.27 -12.46 22.91
C PHE A 128 -25.81 -11.03 22.88
N SER A 129 -24.74 -10.68 23.61
CA SER A 129 -24.25 -9.32 23.57
C SER A 129 -23.40 -9.08 22.33
N GLY A 130 -22.90 -10.13 21.72
CA GLY A 130 -22.37 -9.97 20.39
C GLY A 130 -23.43 -9.88 19.31
N ASP A 131 -24.67 -10.17 19.66
CA ASP A 131 -25.80 -9.96 18.78
C ASP A 131 -26.47 -8.62 19.04
N LEU A 132 -26.26 -8.04 20.22
CA LEU A 132 -26.79 -6.72 20.52
C LEU A 132 -25.88 -5.63 19.98
N MET A 133 -24.58 -5.89 19.90
CA MET A 133 -23.68 -4.88 19.34
C MET A 133 -23.83 -4.76 17.84
N VAL A 134 -24.33 -5.79 17.17
CA VAL A 134 -24.61 -5.67 15.74
C VAL A 134 -25.79 -4.73 15.53
N GLN A 135 -26.74 -4.75 16.46
CA GLN A 135 -27.92 -3.90 16.35
C GLN A 135 -27.60 -2.43 16.56
N ILE A 136 -26.48 -2.12 17.20
CA ILE A 136 -26.05 -0.73 17.33
C ILE A 136 -25.26 -0.30 16.10
N VAL A 137 -24.46 -1.21 15.53
CA VAL A 137 -23.72 -0.94 14.31
C VAL A 137 -24.67 -0.67 13.14
N VAL A 138 -25.84 -1.30 13.13
CA VAL A 138 -26.86 -0.98 12.14
C VAL A 138 -27.37 0.44 12.32
N LEU A 139 -27.60 0.86 13.56
CA LEU A 139 -28.12 2.19 13.80
C LEU A 139 -27.06 3.27 13.74
N GLN A 140 -25.80 3.05 13.86
CA GLN A 140 -24.83 4.04 13.69
C GLN A 140 -24.68 4.19 12.24
N CYS A 141 -24.48 3.17 11.42
CA CYS A 141 -24.24 3.30 9.99
C CYS A 141 -25.38 3.97 9.26
N ILE A 142 -26.62 3.74 9.67
CA ILE A 142 -27.76 4.18 8.88
C ILE A 142 -28.43 5.41 9.47
N ILE A 143 -28.15 5.78 10.72
CA ILE A 143 -28.78 6.96 11.30
C ILE A 143 -27.76 7.96 11.81
N TRP A 144 -26.83 7.52 12.66
CA TRP A 144 -26.02 8.51 13.36
C TRP A 144 -24.78 8.92 12.59
N TYR A 145 -24.39 8.26 11.58
CA TYR A 145 -23.29 8.70 10.82
C TYR A 145 -23.81 9.26 9.55
N THR A 146 -25.07 9.60 9.44
CA THR A 146 -25.74 10.14 8.27
C THR A 146 -26.51 11.24 8.80
N LEU A 147 -26.31 11.68 10.03
CA LEU A 147 -26.91 12.84 10.60
C LEU A 147 -25.78 13.57 10.79
N MET A 148 -24.73 13.01 11.33
CA MET A 148 -23.48 13.72 11.50
C MET A 148 -22.92 14.20 10.17
N LEU A 149 -23.28 13.53 9.08
CA LEU A 149 -22.90 14.01 7.75
C LEU A 149 -23.72 15.23 7.35
N PHE A 150 -24.94 15.38 7.86
CA PHE A 150 -25.68 16.62 7.64
C PHE A 150 -25.06 17.76 8.41
N LEU A 151 -24.48 17.50 9.58
CA LEU A 151 -23.92 18.58 10.36
C LEU A 151 -22.58 19.05 9.81
N PHE A 152 -21.89 18.23 9.03
CA PHE A 152 -20.69 18.71 8.36
C PHE A 152 -21.01 19.42 7.07
N GLU A 153 -22.06 18.98 6.37
CA GLU A 153 -22.45 19.66 5.16
C GLU A 153 -23.07 21.01 5.50
N TYR A 154 -23.83 21.09 6.58
CA TYR A 154 -24.36 22.38 6.98
C TYR A 154 -23.26 23.31 7.46
N ARG A 155 -22.21 22.76 8.04
CA ARG A 155 -21.10 23.59 8.50
C ARG A 155 -20.32 24.12 7.32
N GLY A 156 -20.25 23.37 6.23
CA GLY A 156 -19.57 23.82 5.03
C GLY A 156 -20.39 24.79 4.22
N ALA A 157 -21.69 24.58 4.14
CA ALA A 157 -22.55 25.46 3.36
C ALA A 157 -22.91 26.74 4.10
N LYS A 158 -22.59 26.85 5.39
CA LYS A 158 -22.82 28.09 6.11
C LYS A 158 -21.59 28.99 6.09
N LEU A 159 -20.40 28.40 5.97
CA LEU A 159 -19.19 29.20 5.85
C LEU A 159 -19.14 29.91 4.51
N LEU A 160 -19.54 29.21 3.43
CA LEU A 160 -19.37 29.75 2.09
C LEU A 160 -20.29 30.92 1.83
N ILE A 161 -21.43 30.96 2.50
CA ILE A 161 -22.34 32.09 2.32
C ILE A 161 -22.02 33.23 3.28
N SER A 162 -21.50 32.93 4.46
CA SER A 162 -21.07 34.00 5.36
C SER A 162 -19.80 34.68 4.87
N GLU A 163 -18.93 33.96 4.16
CA GLU A 163 -17.72 34.57 3.64
C GLU A 163 -17.98 35.39 2.38
N GLN A 164 -18.95 34.97 1.57
CA GLN A 164 -19.07 35.52 0.23
C GLN A 164 -20.36 36.28 -0.03
N PHE A 165 -21.40 36.07 0.78
CA PHE A 165 -22.62 36.86 0.69
C PHE A 165 -22.91 37.48 2.05
N PRO A 166 -22.10 38.44 2.49
CA PRO A 166 -22.23 38.92 3.87
C PRO A 166 -23.37 39.89 4.09
N ASP A 167 -23.82 40.60 3.07
CA ASP A 167 -24.84 41.62 3.25
C ASP A 167 -26.01 41.44 2.30
N THR A 168 -26.01 40.38 1.49
CA THR A 168 -26.95 40.23 0.41
C THR A 168 -27.74 38.94 0.51
N ALA A 169 -27.31 38.00 1.36
CA ALA A 169 -27.78 36.61 1.37
C ALA A 169 -29.24 36.45 1.73
N GLY A 170 -29.92 37.50 2.20
CA GLY A 170 -31.34 37.37 2.49
C GLY A 170 -32.24 37.30 1.27
N SER A 171 -31.69 37.43 0.08
CA SER A 171 -32.46 37.47 -1.16
C SER A 171 -32.11 36.35 -2.11
N ILE A 172 -31.39 35.32 -1.65
CA ILE A 172 -31.01 34.21 -2.50
C ILE A 172 -32.22 33.31 -2.74
N VAL A 173 -32.49 33.01 -4.00
CA VAL A 173 -33.63 32.18 -4.37
C VAL A 173 -33.25 30.73 -4.52
N SER A 174 -32.15 30.44 -5.20
CA SER A 174 -31.71 29.06 -5.37
C SER A 174 -30.20 29.03 -5.40
N ILE A 175 -29.64 27.89 -5.01
CA ILE A 175 -28.20 27.67 -5.05
C ILE A 175 -27.94 26.39 -5.81
N HIS A 176 -27.36 26.52 -7.01
CA HIS A 176 -27.01 25.38 -7.85
C HIS A 176 -25.52 25.13 -7.74
N VAL A 177 -25.15 23.94 -7.28
CA VAL A 177 -23.76 23.55 -7.22
C VAL A 177 -23.47 22.69 -8.44
N ASP A 178 -22.38 23.00 -9.15
CA ASP A 178 -21.97 22.19 -10.27
C ASP A 178 -21.54 20.80 -9.82
N SER A 179 -21.76 19.82 -10.70
CA SER A 179 -21.60 18.41 -10.36
C SER A 179 -20.15 17.98 -10.19
N ASP A 180 -19.20 18.83 -10.56
CA ASP A 180 -17.79 18.55 -10.32
C ASP A 180 -17.45 18.67 -8.85
N ILE A 181 -18.10 19.58 -8.14
CA ILE A 181 -17.74 19.92 -6.76
C ILE A 181 -18.34 18.89 -5.82
N MET A 182 -17.49 18.28 -5.00
CA MET A 182 -17.95 17.32 -4.00
C MET A 182 -17.90 17.87 -2.58
N SER A 183 -16.82 18.56 -2.24
CA SER A 183 -16.67 19.21 -0.95
C SER A 183 -16.30 20.66 -1.16
N LEU A 184 -17.12 21.57 -0.65
CA LEU A 184 -16.91 23.00 -0.82
C LEU A 184 -16.35 23.63 0.44
N ASP A 185 -15.50 22.90 1.14
CA ASP A 185 -14.89 23.39 2.37
C ASP A 185 -13.39 23.38 2.22
N GLY A 186 -12.82 24.54 1.89
CA GLY A 186 -11.39 24.79 1.99
C GLY A 186 -10.50 23.93 1.13
N ARG A 187 -11.01 23.43 0.03
CA ARG A 187 -10.26 22.50 -0.81
C ARG A 187 -10.11 22.99 -2.24
N GLN A 188 -11.15 23.57 -2.81
CA GLN A 188 -11.20 24.00 -4.20
C GLN A 188 -11.41 25.50 -4.24
N PRO A 189 -11.07 26.16 -5.36
CA PRO A 189 -11.16 27.63 -5.37
C PRO A 189 -12.58 28.17 -5.36
N LEU A 190 -13.53 27.48 -6.00
CA LEU A 190 -14.98 27.72 -5.85
C LEU A 190 -15.40 29.14 -6.26
N GLU A 191 -15.34 29.38 -7.56
CA GLU A 191 -15.78 30.66 -8.08
C GLU A 191 -17.29 30.65 -8.08
N THR A 192 -17.91 31.25 -7.07
CA THR A 192 -19.36 31.34 -7.07
C THR A 192 -19.79 32.51 -7.95
N GLU A 193 -21.10 32.59 -8.19
CA GLU A 193 -21.62 33.59 -9.11
C GLU A 193 -23.08 33.81 -8.80
N ALA A 194 -23.53 35.06 -8.81
CA ALA A 194 -24.94 35.33 -8.61
C ALA A 194 -25.58 35.93 -9.86
N GLU A 195 -26.90 35.89 -9.91
CA GLU A 195 -27.67 36.27 -11.09
C GLU A 195 -28.76 37.24 -10.66
N ILE A 196 -28.52 38.54 -10.82
CA ILE A 196 -29.49 39.53 -10.36
C ILE A 196 -30.64 39.58 -11.34
N LYS A 197 -31.84 39.26 -10.85
CA LYS A 197 -33.07 39.27 -11.62
C LYS A 197 -33.75 40.64 -11.52
N GLU A 198 -34.99 40.71 -11.99
CA GLU A 198 -35.67 41.98 -12.20
C GLU A 198 -36.20 42.61 -10.92
N ASP A 199 -36.27 41.86 -9.81
CA ASP A 199 -36.89 42.39 -8.60
C ASP A 199 -36.09 42.04 -7.35
N GLY A 200 -34.75 42.10 -7.42
CA GLY A 200 -33.93 41.81 -6.27
C GLY A 200 -33.70 40.34 -6.00
N LYS A 201 -34.26 39.45 -6.80
CA LYS A 201 -34.00 38.02 -6.64
C LYS A 201 -32.58 37.70 -7.07
N LEU A 202 -32.10 36.53 -6.69
CA LEU A 202 -30.68 36.24 -6.80
C LEU A 202 -30.47 34.74 -6.95
N HIS A 203 -30.01 34.31 -8.13
CA HIS A 203 -29.70 32.91 -8.38
C HIS A 203 -28.21 32.69 -8.27
N VAL A 204 -27.83 31.80 -7.36
CA VAL A 204 -26.43 31.56 -7.02
C VAL A 204 -25.98 30.27 -7.69
N THR A 205 -24.82 30.31 -8.34
CA THR A 205 -24.27 29.15 -9.01
C THR A 205 -22.84 28.95 -8.54
N VAL A 206 -22.59 27.87 -7.82
CA VAL A 206 -21.24 27.57 -7.36
C VAL A 206 -20.53 26.76 -8.44
N ARG A 207 -19.33 27.18 -8.81
CA ARG A 207 -18.61 26.59 -9.93
C ARG A 207 -17.21 26.17 -9.51
N ARG A 208 -16.54 25.47 -10.42
CA ARG A 208 -15.12 25.19 -10.29
C ARG A 208 -14.33 26.31 -10.96
N SER A 209 -13.27 26.75 -10.30
CA SER A 209 -12.48 27.87 -10.80
C SER A 209 -11.14 27.40 -11.34
N ASN A 210 -10.68 28.09 -12.38
CA ASN A 210 -9.35 27.91 -12.94
C ASN A 210 -8.77 29.28 -13.23
N ALA A 211 -7.66 29.60 -12.55
CA ALA A 211 -6.97 30.90 -12.61
C ALA A 211 -7.90 32.07 -12.29
N MET A 455 -28.11 35.28 5.76
CA MET A 455 -29.17 34.32 6.10
C MET A 455 -30.08 34.01 4.90
N PRO A 456 -29.81 32.90 4.22
CA PRO A 456 -30.72 32.45 3.17
C PRO A 456 -31.98 31.87 3.78
N PRO A 457 -33.07 31.76 3.02
CA PRO A 457 -34.24 31.07 3.53
C PRO A 457 -33.99 29.60 3.74
N THR A 458 -34.77 29.00 4.63
CA THR A 458 -34.57 27.59 4.95
C THR A 458 -35.02 26.66 3.83
N SER A 459 -35.80 27.15 2.87
CA SER A 459 -36.11 26.36 1.69
C SER A 459 -34.99 26.37 0.67
N VAL A 460 -33.97 27.22 0.85
CA VAL A 460 -32.82 27.29 -0.03
C VAL A 460 -31.66 26.48 0.51
N MET A 461 -31.40 26.60 1.81
CA MET A 461 -30.33 25.84 2.43
C MET A 461 -30.65 24.36 2.49
N THR A 462 -31.89 24.01 2.85
CA THR A 462 -32.26 22.60 2.92
C THR A 462 -32.52 21.97 1.57
N ARG A 463 -32.40 22.73 0.49
CA ARG A 463 -32.22 22.14 -0.83
C ARG A 463 -30.74 22.03 -1.18
N LEU A 464 -29.91 22.94 -0.68
CA LEU A 464 -28.47 22.88 -0.93
C LEU A 464 -27.81 21.78 -0.12
N ILE A 465 -28.28 21.54 1.10
CA ILE A 465 -27.64 20.52 1.93
C ILE A 465 -27.94 19.13 1.39
N LEU A 466 -29.20 18.86 1.03
CA LEU A 466 -29.60 17.54 0.56
C LEU A 466 -28.96 17.16 -0.76
N ILE A 467 -28.57 18.13 -1.58
CA ILE A 467 -27.82 17.81 -2.80
C ILE A 467 -26.44 17.30 -2.45
N MET A 468 -25.72 18.00 -1.65
CA MET A 468 -24.39 17.65 -1.29
C MET A 468 -24.33 16.50 -0.39
N VAL A 469 -25.31 16.24 0.44
CA VAL A 469 -25.38 15.02 1.23
C VAL A 469 -25.52 13.82 0.30
N TRP A 470 -26.34 13.95 -0.75
CA TRP A 470 -26.52 12.88 -1.72
C TRP A 470 -25.25 12.61 -2.52
N ARG A 471 -24.41 13.62 -2.72
CA ARG A 471 -23.18 13.40 -3.46
C ARG A 471 -22.07 12.84 -2.59
N LYS A 472 -22.21 12.89 -1.27
CA LYS A 472 -21.29 12.23 -0.38
C LYS A 472 -21.79 10.87 0.06
N LEU A 473 -23.00 10.50 -0.32
CA LEU A 473 -23.62 9.29 0.19
C LEU A 473 -23.61 8.18 -0.82
N ILE A 474 -23.52 8.51 -2.11
CA ILE A 474 -23.35 7.53 -3.17
C ILE A 474 -21.89 7.30 -3.52
N ARG A 475 -20.98 8.14 -3.06
CA ARG A 475 -19.55 7.90 -3.18
C ARG A 475 -18.98 7.27 -1.92
N ASN A 476 -19.82 6.96 -0.95
CA ASN A 476 -19.39 6.43 0.33
C ASN A 476 -19.56 4.92 0.30
N PRO A 477 -18.49 4.13 0.66
CA PRO A 477 -18.60 2.70 0.53
C PRO A 477 -19.38 2.03 1.59
N ASN A 478 -19.73 2.71 2.67
CA ASN A 478 -20.43 2.05 3.79
C ASN A 478 -21.89 2.41 3.78
N SER A 479 -22.42 2.70 2.61
CA SER A 479 -23.77 3.05 2.46
C SER A 479 -24.18 1.95 1.64
N TYR A 480 -23.33 1.48 0.82
CA TYR A 480 -23.65 0.28 0.05
C TYR A 480 -23.55 -0.96 0.91
N SER A 481 -22.66 -0.95 1.90
CA SER A 481 -22.63 -2.02 2.88
C SER A 481 -23.88 -2.04 3.74
N SER A 482 -24.44 -0.87 4.03
CA SER A 482 -25.59 -0.75 4.90
C SER A 482 -26.90 -0.86 4.15
N LEU A 483 -26.95 -0.48 2.87
CA LEU A 483 -28.16 -0.68 2.11
C LEU A 483 -28.35 -2.15 1.78
N PHE A 484 -27.34 -2.78 1.19
CA PHE A 484 -27.46 -4.18 0.81
C PHE A 484 -27.45 -5.13 1.99
N GLY A 485 -26.90 -4.72 3.13
CA GLY A 485 -26.94 -5.55 4.31
C GLY A 485 -28.32 -5.62 4.91
N ILE A 486 -29.02 -4.49 4.96
CA ILE A 486 -30.37 -4.45 5.50
C ILE A 486 -31.38 -5.02 4.52
N THR A 487 -31.17 -4.78 3.22
CA THR A 487 -32.07 -5.31 2.19
C THR A 487 -32.01 -6.83 2.13
N TRP A 488 -30.83 -7.42 2.34
CA TRP A 488 -30.77 -8.87 2.33
C TRP A 488 -31.35 -9.48 3.59
N SER A 489 -31.08 -8.90 4.76
CA SER A 489 -31.56 -9.50 5.99
C SER A 489 -33.06 -9.30 6.21
N LEU A 490 -33.68 -8.40 5.47
CA LEU A 490 -35.14 -8.33 5.48
C LEU A 490 -35.73 -9.41 4.59
N ILE A 491 -34.96 -9.94 3.67
CA ILE A 491 -35.39 -11.04 2.81
C ILE A 491 -34.95 -12.39 3.38
N SER A 492 -33.72 -12.48 3.88
CA SER A 492 -33.18 -13.72 4.37
C SER A 492 -33.74 -14.17 5.71
N PHE A 493 -34.58 -13.37 6.35
CA PHE A 493 -35.14 -13.74 7.64
C PHE A 493 -36.65 -13.77 7.67
N LYS A 494 -37.30 -13.43 6.56
CA LYS A 494 -38.72 -13.65 6.43
C LYS A 494 -39.04 -14.89 5.61
N TRP A 495 -38.38 -15.07 4.47
CA TRP A 495 -38.61 -16.24 3.64
C TRP A 495 -37.54 -17.30 3.80
N ASN A 496 -36.69 -17.19 4.83
CA ASN A 496 -35.64 -18.16 5.16
C ASN A 496 -34.65 -18.39 4.02
N ILE A 497 -34.47 -17.41 3.13
CA ILE A 497 -33.61 -17.61 1.97
C ILE A 497 -32.17 -17.52 2.43
N GLU A 498 -31.55 -18.66 2.68
CA GLU A 498 -30.16 -18.73 3.08
C GLU A 498 -29.30 -18.39 1.87
N MET A 499 -28.28 -17.57 2.08
CA MET A 499 -27.49 -17.07 0.97
C MET A 499 -26.59 -18.18 0.44
N PRO A 500 -26.51 -18.37 -0.88
CA PRO A 500 -25.81 -19.54 -1.42
C PRO A 500 -24.30 -19.44 -1.24
N ALA A 501 -23.66 -20.61 -1.30
CA ALA A 501 -22.25 -20.69 -0.94
C ALA A 501 -21.32 -20.23 -2.04
N LEU A 502 -21.81 -19.92 -3.24
CA LEU A 502 -21.00 -19.14 -4.15
C LEU A 502 -20.84 -17.71 -3.65
N ILE A 503 -21.93 -17.13 -3.17
CA ILE A 503 -21.94 -15.72 -2.82
C ILE A 503 -21.57 -15.52 -1.35
N ALA A 504 -21.94 -16.46 -0.48
CA ALA A 504 -21.58 -16.35 0.92
C ALA A 504 -20.09 -16.59 1.14
N LYS A 505 -19.39 -17.20 0.18
CA LYS A 505 -17.95 -17.38 0.27
C LYS A 505 -17.17 -16.38 -0.56
N SER A 506 -17.81 -15.79 -1.57
CA SER A 506 -17.17 -14.72 -2.32
C SER A 506 -17.07 -13.45 -1.49
N ILE A 507 -18.02 -13.24 -0.61
CA ILE A 507 -17.98 -12.11 0.31
C ILE A 507 -17.07 -12.43 1.49
N SER A 508 -17.08 -13.68 1.94
CA SER A 508 -16.31 -14.09 3.11
C SER A 508 -14.84 -14.26 2.84
N ILE A 509 -14.37 -14.15 1.60
CA ILE A 509 -12.95 -14.27 1.36
C ILE A 509 -12.24 -12.93 1.58
N LEU A 510 -12.95 -11.81 1.43
CA LEU A 510 -12.39 -10.51 1.77
C LEU A 510 -12.87 -9.99 3.12
N SER A 511 -14.02 -10.45 3.62
CA SER A 511 -14.49 -9.99 4.91
C SER A 511 -13.76 -10.65 6.05
N ASP A 512 -13.19 -11.83 5.85
CA ASP A 512 -12.36 -12.44 6.87
C ASP A 512 -11.04 -11.71 7.02
N ALA A 513 -10.63 -10.97 5.99
CA ALA A 513 -9.49 -10.08 6.14
C ALA A 513 -9.82 -8.89 7.01
N GLY A 514 -11.11 -8.52 7.07
CA GLY A 514 -11.49 -7.18 7.47
C GLY A 514 -11.19 -6.81 8.91
N LEU A 515 -11.21 -7.78 9.82
CA LEU A 515 -11.03 -7.42 11.21
C LEU A 515 -9.56 -7.40 11.61
N GLY A 516 -8.71 -8.13 10.90
CA GLY A 516 -7.30 -8.11 11.19
C GLY A 516 -6.59 -7.03 10.39
N MET A 517 -7.19 -6.64 9.28
CA MET A 517 -6.70 -5.53 8.48
C MET A 517 -7.12 -4.19 9.05
N ALA A 518 -8.21 -4.12 9.80
CA ALA A 518 -8.60 -2.87 10.40
C ALA A 518 -7.66 -2.49 11.53
N MET A 519 -7.27 -3.47 12.34
CA MET A 519 -6.33 -3.23 13.42
C MET A 519 -4.91 -3.05 12.92
N PHE A 520 -4.55 -3.65 11.79
CA PHE A 520 -3.28 -3.36 11.19
C PHE A 520 -3.27 -1.94 10.62
N SER A 521 -4.36 -1.52 9.99
CA SER A 521 -4.45 -0.17 9.45
C SER A 521 -4.52 0.88 10.55
N LEU A 522 -5.09 0.55 11.70
CA LEU A 522 -5.14 1.49 12.81
C LEU A 522 -3.81 1.66 13.49
N GLY A 523 -2.96 0.62 13.47
CA GLY A 523 -1.64 0.75 14.03
C GLY A 523 -0.66 1.40 13.09
N LEU A 524 -0.90 1.29 11.78
CA LEU A 524 -0.13 2.07 10.82
C LEU A 524 -0.39 3.55 10.97
N PHE A 525 -1.61 3.92 11.36
CA PHE A 525 -1.95 5.32 11.48
C PHE A 525 -1.33 5.95 12.71
N MET A 526 -1.22 5.22 13.81
CA MET A 526 -0.63 5.82 15.00
C MET A 526 0.88 5.88 14.93
N ALA A 527 1.50 5.21 13.96
CA ALA A 527 2.92 5.33 13.70
C ALA A 527 3.26 6.48 12.78
N LEU A 528 2.36 6.82 11.85
CA LEU A 528 2.63 7.90 10.93
C LEU A 528 2.49 9.26 11.59
N ASN A 529 1.71 9.36 12.65
CA ASN A 529 1.58 10.61 13.36
C ASN A 529 2.84 10.87 14.19
N PRO A 530 3.23 12.13 14.37
CA PRO A 530 4.47 12.40 15.14
C PRO A 530 4.31 12.14 16.61
N ARG A 531 3.16 12.45 17.20
CA ARG A 531 2.93 12.26 18.62
C ARG A 531 1.61 11.53 18.83
N ILE A 532 1.58 10.67 19.84
CA ILE A 532 0.37 9.92 20.15
C ILE A 532 -0.68 10.85 20.75
N ILE A 533 -0.33 11.54 21.84
CA ILE A 533 -1.12 12.69 22.27
C ILE A 533 -0.70 13.88 21.41
N ALA A 534 -1.59 14.33 20.53
CA ALA A 534 -1.25 15.38 19.60
C ALA A 534 -1.95 16.70 19.87
N CYS A 535 -3.09 16.68 20.54
CA CYS A 535 -3.93 17.85 20.71
C CYS A 535 -3.52 18.72 21.90
N GLY A 536 -2.46 18.34 22.61
CA GLY A 536 -2.14 18.97 23.87
C GLY A 536 -2.50 18.02 25.00
N ASN A 537 -1.89 18.18 26.17
CA ASN A 537 -2.25 17.31 27.27
C ASN A 537 -3.51 17.77 27.99
N ARG A 538 -3.85 19.05 27.89
CA ARG A 538 -5.10 19.53 28.48
C ARG A 538 -6.31 19.19 27.63
N ARG A 539 -6.11 18.73 26.39
CA ARG A 539 -7.22 18.27 25.58
C ARG A 539 -7.27 16.75 25.43
N ALA A 540 -6.17 16.05 25.68
CA ALA A 540 -6.25 14.60 25.72
C ALA A 540 -6.90 14.10 27.00
N ALA A 541 -6.88 14.89 28.06
CA ALA A 541 -7.68 14.61 29.24
C ALA A 541 -9.12 15.06 29.05
N PHE A 542 -9.39 15.86 28.04
CA PHE A 542 -10.75 16.25 27.70
C PHE A 542 -11.38 15.31 26.70
N ALA A 543 -10.61 14.80 25.74
CA ALA A 543 -11.11 13.81 24.81
C ALA A 543 -11.42 12.48 25.48
N ALA A 544 -10.71 12.15 26.56
CA ALA A 544 -10.89 10.90 27.28
C ALA A 544 -11.61 11.09 28.60
N ALA A 545 -12.27 12.21 28.79
CA ALA A 545 -13.27 12.33 29.84
C ALA A 545 -14.67 12.43 29.27
N MET A 546 -14.80 12.96 28.05
CA MET A 546 -16.07 12.86 27.34
C MET A 546 -16.35 11.43 26.92
N ARG A 547 -15.32 10.67 26.61
CA ARG A 547 -15.56 9.32 26.11
C ARG A 547 -15.84 8.35 27.24
N PHE A 548 -14.98 8.32 28.25
CA PHE A 548 -15.02 7.27 29.25
C PHE A 548 -15.75 7.66 30.52
N VAL A 549 -16.18 8.92 30.67
CA VAL A 549 -16.95 9.29 31.85
C VAL A 549 -18.30 9.84 31.42
N VAL A 550 -18.31 10.88 30.58
CA VAL A 550 -19.56 11.50 30.13
C VAL A 550 -20.30 10.59 29.17
N GLY A 551 -19.59 9.71 28.47
CA GLY A 551 -20.19 8.68 27.66
C GLY A 551 -21.07 7.71 28.42
N PRO A 552 -20.51 6.95 29.36
CA PRO A 552 -21.35 6.03 30.13
C PRO A 552 -22.27 6.67 31.14
N ALA A 553 -21.93 7.83 31.69
CA ALA A 553 -22.81 8.41 32.70
C ALA A 553 -24.04 9.05 32.10
N VAL A 554 -24.14 9.18 30.78
CA VAL A 554 -25.38 9.57 30.13
C VAL A 554 -26.13 8.37 29.56
N MET A 555 -25.54 7.18 29.56
CA MET A 555 -26.33 5.96 29.39
C MET A 555 -26.67 5.28 30.70
N LEU A 556 -26.37 5.88 31.83
CA LEU A 556 -26.93 5.40 33.06
C LEU A 556 -28.18 6.16 33.43
N VAL A 557 -28.38 7.35 32.87
CA VAL A 557 -29.64 8.08 33.03
C VAL A 557 -30.58 7.80 31.88
N ALA A 558 -30.11 7.17 30.81
CA ALA A 558 -30.95 6.79 29.68
C ALA A 558 -31.34 5.33 29.67
N SER A 559 -30.53 4.44 30.19
CA SER A 559 -30.78 3.03 30.24
C SER A 559 -31.56 2.70 31.40
N TYR A 560 -31.88 3.62 32.21
CA TYR A 560 -32.65 3.32 33.30
C TYR A 560 -33.99 3.98 33.13
N ALA A 561 -34.10 5.00 32.32
CA ALA A 561 -35.33 5.64 32.08
C ALA A 561 -36.03 4.87 31.11
N VAL A 562 -35.35 4.12 30.30
CA VAL A 562 -36.09 3.24 29.40
C VAL A 562 -36.61 2.03 30.17
N GLY A 563 -35.79 1.44 31.02
CA GLY A 563 -36.24 0.31 31.80
C GLY A 563 -35.31 -0.88 31.73
N LEU A 564 -34.06 -0.66 31.34
CA LEU A 564 -33.11 -1.76 31.30
C LEU A 564 -32.62 -2.10 32.70
N ARG A 565 -32.53 -3.36 33.03
CA ARG A 565 -31.93 -3.76 34.29
C ARG A 565 -31.25 -5.09 34.10
N GLY A 566 -30.41 -5.46 35.03
CA GLY A 566 -29.71 -6.73 35.00
C GLY A 566 -28.50 -6.68 34.10
N VAL A 567 -28.47 -7.59 33.12
CA VAL A 567 -27.31 -7.67 32.25
C VAL A 567 -27.42 -6.66 31.11
N LEU A 568 -28.65 -6.36 30.66
CA LEU A 568 -28.83 -5.38 29.59
C LEU A 568 -28.50 -3.96 30.05
N LEU A 569 -28.58 -3.68 31.33
CA LEU A 569 -28.02 -2.44 31.84
C LEU A 569 -26.50 -2.50 31.79
N HIS A 570 -25.93 -3.66 32.08
CA HIS A 570 -24.48 -3.76 32.15
C HIS A 570 -23.86 -3.81 30.77
N VAL A 571 -24.56 -4.38 29.79
CA VAL A 571 -24.07 -4.33 28.41
C VAL A 571 -24.12 -2.91 27.87
N ALA A 572 -25.17 -2.17 28.25
CA ALA A 572 -25.37 -0.83 27.70
C ALA A 572 -24.36 0.17 28.23
N ILE A 573 -23.92 0.02 29.47
CA ILE A 573 -22.94 0.94 30.02
C ILE A 573 -21.55 0.64 29.49
N ILE A 574 -21.21 -0.65 29.36
CA ILE A 574 -19.89 -1.04 28.90
C ILE A 574 -19.71 -0.75 27.42
N GLN A 575 -20.76 -0.85 26.62
CA GLN A 575 -20.61 -0.48 25.21
C GLN A 575 -20.46 1.01 25.02
N ALA A 576 -20.93 1.82 25.96
CA ALA A 576 -20.79 3.25 25.86
C ALA A 576 -19.38 3.70 26.17
N ALA A 577 -18.60 2.91 26.90
CA ALA A 577 -17.25 3.24 27.30
C ALA A 577 -16.21 2.71 26.33
N LEU A 578 -16.63 2.28 25.16
CA LEU A 578 -15.69 1.85 24.15
C LEU A 578 -14.94 3.06 23.61
N PRO A 579 -13.73 2.88 23.06
CA PRO A 579 -12.99 4.01 22.51
C PRO A 579 -13.60 4.61 21.27
N GLN A 580 -13.01 5.67 20.76
CA GLN A 580 -13.63 6.48 19.74
C GLN A 580 -13.68 5.76 18.41
N GLY A 581 -14.83 5.83 17.75
CA GLY A 581 -14.98 5.23 16.44
C GLY A 581 -14.17 5.97 15.40
N ILE A 582 -13.80 5.27 14.34
CA ILE A 582 -12.88 5.85 13.34
C ILE A 582 -13.56 6.60 12.28
N VAL A 583 -14.77 6.27 11.97
CA VAL A 583 -15.57 7.05 11.04
C VAL A 583 -15.89 8.46 11.55
N PRO A 584 -16.09 8.73 12.86
CA PRO A 584 -16.06 10.14 13.30
C PRO A 584 -14.75 10.86 13.09
N PHE A 585 -13.61 10.16 13.03
CA PHE A 585 -12.36 10.82 12.71
C PHE A 585 -12.23 11.10 11.23
N VAL A 586 -12.69 10.16 10.39
CA VAL A 586 -12.58 10.30 8.94
C VAL A 586 -13.34 11.52 8.43
N PHE A 587 -14.47 11.85 9.06
CA PHE A 587 -15.15 13.10 8.75
C PHE A 587 -14.36 14.30 9.25
N ALA A 588 -13.73 14.18 10.42
CA ALA A 588 -13.02 15.34 10.95
C ALA A 588 -11.71 15.60 10.23
N LYS A 589 -11.16 14.60 9.57
CA LYS A 589 -9.97 14.84 8.75
C LYS A 589 -10.34 15.59 7.48
N GLU A 590 -11.47 15.24 6.87
CA GLU A 590 -11.86 15.83 5.60
C GLU A 590 -12.29 17.28 5.80
N TYR A 591 -12.99 17.58 6.88
CA TYR A 591 -13.59 18.87 7.05
C TYR A 591 -12.80 19.80 7.97
N ASN A 592 -11.70 19.30 8.56
CA ASN A 592 -10.84 20.04 9.49
C ASN A 592 -11.62 20.62 10.67
N VAL A 593 -12.52 19.81 11.22
CA VAL A 593 -13.20 20.15 12.46
C VAL A 593 -12.50 19.34 13.54
N HIS A 594 -11.47 19.95 14.12
CA HIS A 594 -10.58 19.46 15.16
C HIS A 594 -10.01 18.08 14.83
N PRO A 595 -9.12 17.95 13.85
CA PRO A 595 -8.60 16.63 13.52
C PRO A 595 -7.54 16.12 14.47
N ASP A 596 -7.15 16.91 15.47
CA ASP A 596 -6.20 16.45 16.47
C ASP A 596 -6.88 15.82 17.68
N ILE A 597 -8.01 16.39 18.12
CA ILE A 597 -8.73 15.81 19.24
C ILE A 597 -9.38 14.50 18.83
N LEU A 598 -9.85 14.41 17.61
CA LEU A 598 -10.46 13.19 17.13
C LEU A 598 -9.45 12.20 16.57
N SER A 599 -8.16 12.51 16.58
CA SER A 599 -7.14 11.51 16.34
C SER A 599 -6.41 11.10 17.60
N THR A 600 -6.33 11.99 18.58
CA THR A 600 -5.94 11.59 19.93
C THR A 600 -6.91 10.55 20.48
N ALA A 601 -8.21 10.85 20.42
CA ALA A 601 -9.23 10.00 21.03
C ALA A 601 -9.36 8.65 20.37
N VAL A 602 -9.01 8.53 19.09
CA VAL A 602 -8.96 7.21 18.47
C VAL A 602 -7.73 6.46 18.96
N ILE A 603 -6.56 7.12 18.90
CA ILE A 603 -5.30 6.44 19.14
C ILE A 603 -5.07 6.23 20.64
N PHE A 604 -5.12 7.31 21.42
CA PHE A 604 -4.97 7.20 22.86
C PHE A 604 -6.16 6.54 23.52
N GLY A 605 -7.31 6.53 22.86
CA GLY A 605 -8.46 5.82 23.40
C GLY A 605 -8.29 4.32 23.34
N MET A 606 -7.70 3.81 22.25
CA MET A 606 -7.45 2.38 22.11
C MET A 606 -6.48 1.87 23.17
N LEU A 607 -5.47 2.67 23.51
CA LEU A 607 -4.43 2.23 24.43
C LEU A 607 -4.92 2.11 25.86
N ILE A 608 -5.92 2.90 26.25
CA ILE A 608 -6.53 2.79 27.56
C ILE A 608 -7.92 2.19 27.50
N ALA A 609 -8.30 1.62 26.35
CA ALA A 609 -9.63 1.05 26.22
C ALA A 609 -9.80 -0.18 27.08
N LEU A 610 -8.80 -1.05 27.08
CA LEU A 610 -8.92 -2.32 27.80
C LEU A 610 -8.91 -2.15 29.32
N PRO A 611 -8.00 -1.40 29.94
CA PRO A 611 -8.10 -1.26 31.41
C PRO A 611 -9.21 -0.35 31.91
N ILE A 612 -9.98 0.30 31.04
CA ILE A 612 -11.16 1.06 31.49
C ILE A 612 -12.43 0.23 31.40
N THR A 613 -12.64 -0.45 30.27
CA THR A 613 -13.82 -1.31 30.16
C THR A 613 -13.73 -2.51 31.08
N LEU A 614 -12.52 -2.99 31.37
CA LEU A 614 -12.37 -3.97 32.44
C LEU A 614 -12.59 -3.37 33.81
N LEU A 615 -12.45 -2.06 33.96
CA LEU A 615 -12.75 -1.47 35.25
C LEU A 615 -14.26 -1.30 35.44
N TYR A 616 -15.00 -1.18 34.35
CA TYR A 616 -16.46 -1.15 34.46
C TYR A 616 -16.94 -2.57 34.70
N TYR A 617 -16.31 -3.56 34.06
CA TYR A 617 -16.73 -4.94 34.15
C TYR A 617 -16.52 -5.52 35.54
N ILE A 618 -15.66 -4.90 36.33
CA ILE A 618 -15.49 -5.28 37.72
C ILE A 618 -16.44 -4.51 38.63
N LEU A 619 -16.61 -3.21 38.39
CA LEU A 619 -17.44 -2.40 39.28
C LEU A 619 -18.93 -2.64 39.06
N LEU A 620 -19.35 -3.06 37.87
CA LEU A 620 -20.78 -3.28 37.66
C LEU A 620 -21.25 -4.56 38.33
N GLY A 621 -20.48 -5.62 38.24
CA GLY A 621 -20.88 -6.86 38.86
C GLY A 621 -20.82 -6.90 40.36
N LEU A 622 -20.23 -5.89 40.99
CA LEU A 622 -20.13 -5.82 42.44
C LEU A 622 -21.22 -4.93 43.04
N SER B 4 -32.27 47.86 -0.40
CA SER B 4 -31.99 48.40 -1.74
C SER B 4 -32.43 47.44 -2.83
N GLN B 5 -32.22 46.13 -2.62
CA GLN B 5 -32.46 45.06 -3.60
C GLN B 5 -31.66 45.33 -4.88
N VAL B 6 -30.34 45.23 -4.71
CA VAL B 6 -29.28 45.61 -5.64
C VAL B 6 -29.51 45.12 -7.07
N GLN B 7 -29.25 45.98 -8.06
CA GLN B 7 -29.67 45.75 -9.43
C GLN B 7 -28.61 46.22 -10.41
N LEU B 8 -28.32 45.40 -11.41
CA LEU B 8 -27.48 45.80 -12.53
C LEU B 8 -28.33 46.34 -13.68
N VAL B 9 -27.76 47.30 -14.41
CA VAL B 9 -28.38 47.85 -15.62
C VAL B 9 -27.34 47.79 -16.73
N GLU B 10 -27.69 47.13 -17.83
CA GLU B 10 -26.81 47.00 -18.98
C GLU B 10 -27.54 47.48 -20.23
N SER B 11 -26.82 48.18 -21.09
CA SER B 11 -27.37 48.68 -22.35
C SER B 11 -26.21 48.89 -23.33
N GLY B 12 -26.50 49.56 -24.44
CA GLY B 12 -25.53 49.85 -25.46
C GLY B 12 -25.47 48.86 -26.60
N GLY B 13 -26.17 47.73 -26.49
CA GLY B 13 -26.12 46.73 -27.54
C GLY B 13 -27.12 47.02 -28.65
N GLY B 14 -26.74 46.65 -29.87
CA GLY B 14 -27.59 46.85 -31.01
C GLY B 14 -27.03 46.18 -32.24
N LEU B 15 -27.66 46.46 -33.37
CA LEU B 15 -27.22 45.94 -34.67
C LEU B 15 -26.28 46.95 -35.30
N VAL B 16 -25.09 46.48 -35.69
CA VAL B 16 -24.06 47.35 -36.22
C VAL B 16 -23.19 46.51 -37.15
N GLN B 17 -22.66 47.16 -38.19
CA GLN B 17 -21.81 46.49 -39.16
C GLN B 17 -20.38 46.36 -38.63
N ALA B 18 -19.51 45.77 -39.44
CA ALA B 18 -18.12 45.59 -39.06
C ALA B 18 -17.37 46.91 -39.10
N GLY B 19 -16.52 47.13 -38.11
CA GLY B 19 -15.73 48.35 -38.05
C GLY B 19 -16.48 49.55 -37.55
N GLY B 20 -17.50 49.36 -36.71
CA GLY B 20 -18.22 50.48 -36.13
C GLY B 20 -17.62 50.93 -34.82
N SER B 21 -18.47 51.29 -33.86
CA SER B 21 -18.01 51.72 -32.54
C SER B 21 -19.11 51.50 -31.53
N LEU B 22 -18.77 50.88 -30.40
CA LEU B 22 -19.71 50.64 -29.32
C LEU B 22 -19.13 51.11 -28.00
N ARG B 23 -20.02 51.34 -27.04
CA ARG B 23 -19.62 51.77 -25.69
C ARG B 23 -20.65 51.19 -24.72
N LEU B 24 -20.34 50.06 -24.13
CA LEU B 24 -21.27 49.34 -23.28
C LEU B 24 -21.33 49.95 -21.89
N SER B 25 -22.37 49.61 -21.14
CA SER B 25 -22.64 50.21 -19.85
C SER B 25 -22.85 49.14 -18.79
N CYS B 26 -22.41 49.43 -17.57
CA CYS B 26 -22.56 48.52 -16.43
C CYS B 26 -22.84 49.40 -15.22
N ALA B 27 -24.12 49.64 -14.94
CA ALA B 27 -24.55 50.57 -13.91
C ALA B 27 -24.71 49.83 -12.59
N ALA B 28 -23.73 49.97 -11.71
CA ALA B 28 -23.75 49.35 -10.40
C ALA B 28 -24.42 50.26 -9.39
N SER B 29 -25.41 49.73 -8.67
CA SER B 29 -26.19 50.54 -7.73
C SER B 29 -26.81 49.63 -6.69
N GLY B 30 -26.45 49.84 -5.42
CA GLY B 30 -27.10 49.15 -4.33
C GLY B 30 -26.19 48.22 -3.55
N PHE B 31 -24.90 48.35 -3.81
CA PHE B 31 -23.93 47.38 -3.34
C PHE B 31 -23.39 47.72 -1.95
N PRO B 32 -22.71 46.76 -1.33
CA PRO B 32 -21.74 47.10 -0.27
C PRO B 32 -20.46 47.72 -0.82
N VAL B 33 -19.44 47.86 0.03
CA VAL B 33 -18.14 48.38 -0.39
C VAL B 33 -17.55 47.51 -1.49
N ASN B 34 -17.43 48.09 -2.68
CA ASN B 34 -17.15 47.37 -3.91
C ASN B 34 -15.65 47.36 -4.15
N ILE B 35 -15.05 46.17 -4.11
CA ILE B 35 -13.68 46.01 -4.57
C ILE B 35 -13.73 45.84 -6.09
N SER B 36 -12.95 46.65 -6.79
CA SER B 36 -13.08 46.75 -8.23
C SER B 36 -12.47 45.53 -8.89
N TRP B 37 -13.33 44.64 -9.38
CA TRP B 37 -12.92 43.58 -10.28
C TRP B 37 -14.00 43.42 -11.36
N MET B 38 -14.50 44.53 -11.90
CA MET B 38 -15.56 44.44 -12.90
C MET B 38 -14.99 43.91 -14.20
N GLU B 39 -15.51 42.79 -14.65
CA GLU B 39 -15.00 42.08 -15.80
C GLU B 39 -15.98 42.25 -16.97
N TRP B 40 -15.61 41.63 -18.09
CA TRP B 40 -16.45 41.52 -19.26
C TRP B 40 -16.05 40.24 -19.96
N TYR B 41 -17.03 39.49 -20.48
CA TYR B 41 -16.68 38.34 -21.29
C TYR B 41 -17.78 38.01 -22.29
N ARG B 42 -17.40 37.19 -23.27
CA ARG B 42 -18.26 36.76 -24.36
C ARG B 42 -18.93 35.44 -24.03
N GLN B 43 -20.06 35.20 -24.68
CA GLN B 43 -20.78 33.94 -24.54
C GLN B 43 -21.56 33.70 -25.82
N VAL B 44 -21.08 32.78 -26.65
CA VAL B 44 -21.81 32.30 -27.82
C VAL B 44 -22.71 31.17 -27.34
N PRO B 45 -23.66 30.67 -28.13
CA PRO B 45 -24.36 29.44 -27.73
C PRO B 45 -23.45 28.21 -27.64
N GLY B 46 -22.31 28.21 -28.30
CA GLY B 46 -21.29 27.22 -28.00
C GLY B 46 -20.67 27.46 -26.64
N LYS B 47 -20.04 26.42 -26.11
CA LYS B 47 -19.48 26.49 -24.77
C LYS B 47 -18.06 27.06 -24.81
N GLU B 48 -17.35 26.92 -23.69
CA GLU B 48 -15.96 27.34 -23.50
C GLU B 48 -15.79 28.85 -23.74
N ARG B 49 -16.41 29.62 -22.84
CA ARG B 49 -16.36 31.06 -22.89
C ARG B 49 -14.96 31.57 -22.57
N GLU B 50 -14.74 32.85 -22.86
CA GLU B 50 -13.41 33.44 -22.71
C GLU B 50 -13.55 34.87 -22.20
N TRP B 51 -12.67 35.24 -21.28
CA TRP B 51 -12.72 36.55 -20.64
C TRP B 51 -12.08 37.61 -21.52
N VAL B 52 -12.49 38.86 -21.31
CA VAL B 52 -12.07 39.97 -22.16
C VAL B 52 -11.23 41.00 -21.38
N ALA B 53 -11.81 41.63 -20.37
CA ALA B 53 -11.19 42.80 -19.77
C ALA B 53 -11.35 42.80 -18.26
N ALA B 54 -10.85 43.87 -17.63
CA ALA B 54 -10.95 44.13 -16.20
C ALA B 54 -10.68 45.61 -15.97
N ILE B 55 -11.14 46.12 -14.82
CA ILE B 55 -10.89 47.50 -14.44
C ILE B 55 -10.30 47.51 -13.02
N GLN B 56 -9.48 46.50 -12.72
CA GLN B 56 -9.21 46.04 -11.37
C GLN B 56 -8.37 47.03 -10.55
N SER B 57 -7.93 46.56 -9.38
CA SER B 57 -7.89 47.24 -8.08
C SER B 57 -7.66 48.75 -8.09
N THR B 58 -6.59 49.22 -8.75
CA THR B 58 -6.29 50.64 -8.78
C THR B 58 -6.34 51.21 -10.19
N GLY B 59 -6.81 50.43 -11.15
CA GLY B 59 -6.69 50.81 -12.54
C GLY B 59 -5.28 50.74 -13.05
N SER B 60 -4.40 50.02 -12.35
CA SER B 60 -2.98 49.97 -12.71
C SER B 60 -2.77 49.10 -13.93
N TYR B 61 -3.11 47.82 -13.83
CA TYR B 61 -3.06 46.93 -14.97
C TYR B 61 -4.42 46.30 -15.17
N THR B 62 -4.87 46.29 -16.41
CA THR B 62 -6.06 45.55 -16.79
C THR B 62 -5.63 44.23 -17.44
N TRP B 63 -6.55 43.28 -17.49
CA TRP B 63 -6.27 41.98 -18.10
C TRP B 63 -7.03 41.91 -19.43
N TYR B 64 -6.38 42.38 -20.48
CA TYR B 64 -6.94 42.24 -21.82
C TYR B 64 -6.58 40.87 -22.38
N ALA B 65 -7.49 40.31 -23.17
CA ALA B 65 -7.21 39.04 -23.84
C ALA B 65 -6.15 39.24 -24.92
N ASP B 66 -5.50 38.15 -25.30
CA ASP B 66 -4.39 38.24 -26.25
C ASP B 66 -4.85 38.57 -27.66
N SER B 67 -6.11 38.30 -27.99
CA SER B 67 -6.63 38.60 -29.33
C SER B 67 -7.15 40.02 -29.45
N VAL B 68 -7.58 40.63 -28.35
CA VAL B 68 -8.15 41.97 -28.38
C VAL B 68 -7.36 42.90 -27.46
N LYS B 69 -6.06 42.66 -27.34
CA LYS B 69 -5.22 43.45 -26.45
C LYS B 69 -5.02 44.86 -26.99
N GLY B 70 -5.27 45.86 -26.15
CA GLY B 70 -4.99 47.24 -26.47
C GLY B 70 -6.05 47.95 -27.29
N ARG B 71 -7.05 47.23 -27.80
CA ARG B 71 -8.04 47.84 -28.67
C ARG B 71 -9.38 48.10 -27.99
N PHE B 72 -9.65 47.46 -26.85
CA PHE B 72 -10.88 47.66 -26.09
C PHE B 72 -10.58 48.58 -24.92
N THR B 73 -11.20 49.75 -24.90
CA THR B 73 -10.95 50.76 -23.89
C THR B 73 -11.94 50.61 -22.73
N ILE B 74 -11.40 50.35 -21.54
CA ILE B 74 -12.20 50.21 -20.33
C ILE B 74 -11.84 51.34 -19.37
N SER B 75 -12.84 51.87 -18.68
CA SER B 75 -12.66 53.05 -17.85
C SER B 75 -13.63 53.02 -16.69
N ARG B 76 -13.24 53.64 -15.58
CA ARG B 76 -14.01 53.61 -14.34
C ARG B 76 -14.36 55.04 -13.91
N ASP B 77 -15.61 55.21 -13.47
CA ASP B 77 -16.05 56.43 -12.79
C ASP B 77 -16.58 55.98 -11.43
N ASN B 78 -15.84 56.28 -10.37
CA ASN B 78 -16.26 55.87 -9.04
C ASN B 78 -17.46 56.65 -8.52
N ALA B 79 -17.66 57.88 -8.99
CA ALA B 79 -18.81 58.66 -8.55
C ALA B 79 -20.11 58.13 -9.14
N LYS B 80 -20.13 57.89 -10.45
CA LYS B 80 -21.31 57.34 -11.10
C LYS B 80 -21.45 55.84 -10.87
N ASN B 81 -20.37 55.17 -10.45
CA ASN B 81 -20.30 53.72 -10.22
C ASN B 81 -20.68 52.96 -11.48
N THR B 82 -20.06 53.33 -12.59
CA THR B 82 -20.38 52.74 -13.89
C THR B 82 -19.10 52.61 -14.70
N VAL B 83 -18.83 51.40 -15.17
CA VAL B 83 -17.64 51.09 -15.95
C VAL B 83 -18.06 50.83 -17.39
N TYR B 84 -17.43 51.57 -18.32
CA TYR B 84 -17.75 51.51 -19.74
C TYR B 84 -16.70 50.68 -20.49
N LEU B 85 -17.11 50.15 -21.63
CA LEU B 85 -16.24 49.34 -22.49
C LEU B 85 -16.36 49.86 -23.92
N GLN B 86 -15.37 50.62 -24.36
CA GLN B 86 -15.36 51.16 -25.71
C GLN B 86 -14.83 50.12 -26.69
N MET B 87 -15.50 49.97 -27.82
CA MET B 87 -15.14 49.00 -28.84
C MET B 87 -14.81 49.70 -30.15
N ASN B 88 -13.72 49.28 -30.79
CA ASN B 88 -13.28 49.85 -32.06
C ASN B 88 -12.79 48.73 -32.97
N SER B 89 -12.95 48.94 -34.27
CA SER B 89 -12.62 47.98 -35.33
C SER B 89 -13.33 46.64 -35.10
N LEU B 90 -14.65 46.70 -35.16
CA LEU B 90 -15.50 45.61 -34.69
C LEU B 90 -15.41 44.40 -35.61
N LYS B 91 -14.73 43.37 -35.14
CA LYS B 91 -14.59 42.14 -35.90
C LYS B 91 -15.92 41.39 -35.94
N PRO B 92 -16.20 40.63 -37.01
CA PRO B 92 -17.51 39.98 -37.15
C PRO B 92 -17.78 38.86 -36.15
N GLU B 93 -16.79 38.42 -35.37
CA GLU B 93 -17.00 37.39 -34.36
C GLU B 93 -17.33 38.00 -32.99
N ASP B 94 -18.26 38.95 -32.99
CA ASP B 94 -18.61 39.70 -31.79
C ASP B 94 -20.13 39.77 -31.64
N THR B 95 -20.82 38.75 -32.10
CA THR B 95 -22.27 38.67 -31.98
C THR B 95 -22.68 38.12 -30.61
N ALA B 96 -21.72 37.65 -29.84
CA ALA B 96 -21.97 37.10 -28.52
C ALA B 96 -22.43 38.17 -27.54
N VAL B 97 -22.96 37.71 -26.42
CA VAL B 97 -23.48 38.59 -25.40
C VAL B 97 -22.36 39.03 -24.45
N TYR B 98 -22.32 40.32 -24.13
CA TYR B 98 -21.25 40.96 -23.38
C TYR B 98 -21.83 41.57 -22.10
N TYR B 99 -21.57 40.95 -20.97
CA TYR B 99 -22.14 41.40 -19.71
C TYR B 99 -21.08 41.43 -18.61
N CYS B 100 -21.27 42.35 -17.67
CA CYS B 100 -20.28 42.66 -16.66
C CYS B 100 -20.47 41.82 -15.40
N ARG B 101 -19.37 41.66 -14.66
CA ARG B 101 -19.21 40.62 -13.66
C ARG B 101 -18.58 41.24 -12.41
N VAL B 102 -19.25 42.25 -11.85
CA VAL B 102 -18.73 42.95 -10.66
C VAL B 102 -18.55 42.01 -9.48
N LYS B 103 -17.36 42.04 -8.88
CA LYS B 103 -16.95 41.10 -7.85
C LYS B 103 -16.96 41.78 -6.49
N VAL B 104 -17.94 41.43 -5.65
CA VAL B 104 -18.06 41.98 -4.31
C VAL B 104 -17.85 40.79 -3.37
N GLY B 105 -16.98 39.88 -3.78
CA GLY B 105 -16.71 38.68 -3.01
C GLY B 105 -17.30 37.47 -3.71
N ALA B 106 -18.49 37.65 -4.24
CA ALA B 106 -19.06 36.73 -5.20
C ALA B 106 -19.43 37.53 -6.44
N TYR B 107 -19.13 36.97 -7.59
CA TYR B 107 -19.29 37.66 -8.86
C TYR B 107 -20.77 37.81 -9.18
N TYR B 108 -21.28 39.03 -9.13
CA TYR B 108 -22.67 39.27 -9.49
C TYR B 108 -22.70 39.68 -10.96
N ARG B 109 -23.64 39.15 -11.73
CA ARG B 109 -23.66 39.49 -13.14
C ARG B 109 -25.08 39.53 -13.67
N GLY B 110 -25.26 40.28 -14.75
CA GLY B 110 -26.55 40.40 -15.40
C GLY B 110 -26.53 39.76 -16.78
N GLN B 111 -27.50 40.07 -17.61
CA GLN B 111 -27.59 39.41 -18.91
C GLN B 111 -27.95 40.32 -20.08
N GLY B 112 -28.45 41.52 -19.84
CA GLY B 112 -29.17 42.28 -20.85
C GLY B 112 -28.38 43.13 -21.83
N THR B 113 -27.80 42.53 -22.86
CA THR B 113 -27.28 43.32 -23.98
C THR B 113 -27.57 42.60 -25.29
N GLN B 114 -27.39 43.33 -26.39
CA GLN B 114 -27.63 42.81 -27.74
C GLN B 114 -26.48 43.25 -28.66
N VAL B 115 -25.25 42.96 -28.24
CA VAL B 115 -24.09 43.26 -29.08
C VAL B 115 -24.11 42.34 -30.29
N THR B 116 -24.37 42.91 -31.47
CA THR B 116 -24.52 42.14 -32.69
C THR B 116 -23.73 42.81 -33.80
N VAL B 117 -22.76 42.09 -34.36
CA VAL B 117 -21.90 42.61 -35.42
C VAL B 117 -22.15 41.78 -36.67
N SER B 118 -22.57 42.44 -37.75
CA SER B 118 -22.81 41.76 -39.02
C SER B 118 -21.62 41.90 -39.95
N SER C 4 52.11 -19.59 -14.78
CA SER C 4 52.98 -18.53 -14.31
C SER C 4 52.89 -18.36 -12.80
N GLN C 5 51.67 -18.47 -12.25
CA GLN C 5 51.36 -18.22 -10.84
C GLN C 5 51.78 -16.81 -10.45
N VAL C 6 51.04 -15.85 -11.04
CA VAL C 6 51.30 -14.42 -11.07
C VAL C 6 51.62 -13.82 -9.69
N GLN C 7 52.62 -12.95 -9.62
CA GLN C 7 53.21 -12.51 -8.38
C GLN C 7 53.54 -11.02 -8.41
N LEU C 8 53.19 -10.30 -7.35
CA LEU C 8 53.64 -8.92 -7.17
C LEU C 8 54.92 -8.87 -6.36
N VAL C 9 55.75 -7.88 -6.65
CA VAL C 9 56.97 -7.60 -5.90
C VAL C 9 56.96 -6.12 -5.52
N GLU C 10 57.08 -5.84 -4.23
CA GLU C 10 57.09 -4.48 -3.72
C GLU C 10 58.32 -4.28 -2.85
N SER C 11 58.93 -3.11 -2.98
CA SER C 11 60.11 -2.76 -2.18
C SER C 11 60.20 -1.24 -2.11
N GLY C 12 61.34 -0.75 -1.63
CA GLY C 12 61.58 0.68 -1.50
C GLY C 12 61.26 1.26 -0.14
N GLY C 13 60.62 0.50 0.74
CA GLY C 13 60.26 1.03 2.04
C GLY C 13 61.41 0.92 3.03
N GLY C 14 61.47 1.88 3.95
CA GLY C 14 62.50 1.89 4.96
C GLY C 14 62.25 2.98 5.97
N LEU C 15 63.24 3.17 6.85
CA LEU C 15 63.20 4.20 7.87
C LEU C 15 63.86 5.46 7.32
N VAL C 16 63.14 6.58 7.38
CA VAL C 16 63.61 7.83 6.80
C VAL C 16 62.98 8.97 7.58
N GLN C 17 63.70 10.08 7.69
CA GLN C 17 63.22 11.25 8.42
C GLN C 17 62.27 12.06 7.55
N ALA C 18 61.79 13.17 8.10
CA ALA C 18 60.86 14.04 7.38
C ALA C 18 61.61 14.83 6.31
N GLY C 19 60.98 14.96 5.14
CA GLY C 19 61.58 15.71 4.06
C GLY C 19 62.65 14.96 3.29
N GLY C 20 62.57 13.63 3.25
CA GLY C 20 63.52 12.84 2.48
C GLY C 20 63.05 12.62 1.05
N SER C 21 63.29 11.42 0.52
CA SER C 21 62.86 11.08 -0.83
C SER C 21 62.73 9.57 -0.93
N LEU C 22 61.61 9.11 -1.49
CA LEU C 22 61.35 7.69 -1.70
C LEU C 22 60.91 7.45 -3.13
N ARG C 23 61.06 6.19 -3.56
CA ARG C 23 60.63 5.79 -4.90
C ARG C 23 60.21 4.32 -4.80
N LEU C 24 58.91 4.09 -4.66
CA LEU C 24 58.38 2.75 -4.43
C LEU C 24 58.29 1.98 -5.74
N SER C 25 58.16 0.66 -5.62
CA SER C 25 58.19 -0.25 -6.76
C SER C 25 56.97 -1.16 -6.75
N CYS C 26 56.48 -1.47 -7.94
CA CYS C 26 55.35 -2.37 -8.13
C CYS C 26 55.64 -3.19 -9.38
N ALA C 27 56.26 -4.35 -9.19
CA ALA C 27 56.74 -5.19 -10.28
C ALA C 27 55.64 -6.18 -10.67
N ALA C 28 54.96 -5.89 -11.77
CA ALA C 28 53.91 -6.75 -12.28
C ALA C 28 54.49 -7.76 -13.26
N SER C 29 54.18 -9.03 -13.02
CA SER C 29 54.76 -10.11 -13.83
C SER C 29 53.85 -11.34 -13.75
N GLY C 30 53.31 -11.75 -14.90
CA GLY C 30 52.58 -13.00 -14.97
C GLY C 30 51.12 -12.82 -15.32
N PHE C 31 50.77 -11.63 -15.75
CA PHE C 31 49.38 -11.24 -15.88
C PHE C 31 48.82 -11.58 -17.26
N PRO C 32 47.49 -11.51 -17.40
CA PRO C 32 46.88 -11.32 -18.73
C PRO C 32 47.07 -9.89 -19.24
N VAL C 33 46.36 -9.55 -20.33
CA VAL C 33 46.39 -8.20 -20.89
C VAL C 33 45.92 -7.19 -19.85
N ASN C 34 46.84 -6.32 -19.42
CA ASN C 34 46.67 -5.47 -18.26
C ASN C 34 46.12 -4.12 -18.71
N ILE C 35 44.91 -3.81 -18.27
CA ILE C 35 44.38 -2.46 -18.41
C ILE C 35 44.93 -1.64 -17.25
N SER C 36 45.54 -0.51 -17.57
CA SER C 36 46.30 0.24 -16.58
C SER C 36 45.34 0.97 -15.65
N TRP C 37 45.22 0.47 -14.43
CA TRP C 37 44.60 1.19 -13.33
C TRP C 37 45.41 0.92 -12.06
N MET C 38 46.74 0.96 -12.16
CA MET C 38 47.56 0.70 -10.98
C MET C 38 47.46 1.85 -9.99
N GLU C 39 46.99 1.55 -8.80
CA GLU C 39 46.71 2.55 -7.79
C GLU C 39 47.76 2.48 -6.70
N TRP C 40 47.60 3.34 -5.70
CA TRP C 40 48.38 3.33 -4.47
C TRP C 40 47.50 3.91 -3.39
N TYR C 41 47.56 3.34 -2.19
CA TYR C 41 46.84 3.96 -1.08
C TYR C 41 47.49 3.61 0.25
N ARG C 42 47.09 4.39 1.26
CA ARG C 42 47.60 4.28 2.62
C ARG C 42 46.70 3.38 3.45
N GLN C 43 47.29 2.82 4.52
CA GLN C 43 46.53 2.02 5.47
C GLN C 43 47.24 2.11 6.82
N VAL C 44 46.66 2.87 7.73
CA VAL C 44 47.10 2.91 9.12
C VAL C 44 46.39 1.76 9.83
N PRO C 45 46.74 1.41 11.07
CA PRO C 45 45.91 0.46 11.82
C PRO C 45 44.50 0.98 12.12
N GLY C 46 44.29 2.29 12.11
CA GLY C 46 42.93 2.81 12.08
C GLY C 46 42.27 2.55 10.75
N LYS C 47 40.94 2.61 10.75
CA LYS C 47 40.17 2.29 9.56
C LYS C 47 40.04 3.52 8.66
N GLU C 48 39.13 3.43 7.68
CA GLU C 48 38.77 4.49 6.73
C GLU C 48 40.00 4.94 5.92
N ARG C 49 40.48 4.01 5.10
CA ARG C 49 41.64 4.26 4.26
C ARG C 49 41.30 5.26 3.14
N GLU C 50 42.33 5.77 2.48
CA GLU C 50 42.17 6.81 1.49
C GLU C 50 43.13 6.58 0.34
N TRP C 51 42.65 6.78 -0.88
CA TRP C 51 43.43 6.53 -2.07
C TRP C 51 44.37 7.69 -2.38
N VAL C 52 45.45 7.40 -3.10
CA VAL C 52 46.52 8.36 -3.36
C VAL C 52 46.62 8.71 -4.84
N ALA C 53 46.94 7.72 -5.69
CA ALA C 53 47.34 8.02 -7.06
C ALA C 53 46.75 7.00 -8.03
N ALA C 54 47.11 7.17 -9.30
CA ALA C 54 46.74 6.29 -10.40
C ALA C 54 47.69 6.55 -11.56
N ILE C 55 47.80 5.57 -12.46
CA ILE C 55 48.61 5.71 -13.66
C ILE C 55 47.76 5.36 -14.88
N GLN C 56 46.48 5.73 -14.82
CA GLN C 56 45.41 5.11 -15.58
C GLN C 56 45.49 5.41 -17.08
N SER C 57 44.41 5.02 -17.79
CA SER C 57 44.37 4.39 -19.11
C SER C 57 45.46 4.76 -20.11
N THR C 58 45.66 6.05 -20.36
CA THR C 58 46.67 6.49 -21.32
C THR C 58 47.75 7.34 -20.67
N GLY C 59 47.75 7.42 -19.34
CA GLY C 59 48.59 8.38 -18.66
C GLY C 59 48.15 9.81 -18.85
N SER C 60 46.89 10.01 -19.27
CA SER C 60 46.41 11.36 -19.57
C SER C 60 46.15 12.14 -18.29
N TYR C 61 45.24 11.65 -17.46
CA TYR C 61 44.99 12.25 -16.15
C TYR C 61 45.17 11.20 -15.08
N THR C 62 45.90 11.55 -14.03
CA THR C 62 46.00 10.74 -12.85
C THR C 62 45.05 11.29 -11.79
N TRP C 63 44.72 10.46 -10.80
CA TRP C 63 43.83 10.89 -9.72
C TRP C 63 44.67 11.05 -8.47
N TYR C 64 45.21 12.24 -8.27
CA TYR C 64 45.92 12.56 -7.04
C TYR C 64 44.94 13.00 -5.99
N ALA C 65 45.22 12.66 -4.73
CA ALA C 65 44.39 13.12 -3.64
C ALA C 65 44.56 14.63 -3.44
N ASP C 66 43.57 15.25 -2.79
CA ASP C 66 43.57 16.70 -2.65
C ASP C 66 44.64 17.20 -1.69
N SER C 67 45.13 16.34 -0.78
CA SER C 67 46.15 16.74 0.17
C SER C 67 47.56 16.57 -0.38
N VAL C 68 47.76 15.66 -1.33
CA VAL C 68 49.07 15.38 -1.88
C VAL C 68 49.07 15.58 -3.40
N LYS C 69 48.27 16.53 -3.86
CA LYS C 69 48.15 16.78 -5.29
C LYS C 69 49.40 17.43 -5.84
N GLY C 70 49.94 16.87 -6.92
CA GLY C 70 51.05 17.45 -7.64
C GLY C 70 52.42 17.15 -7.07
N ARG C 71 52.52 16.56 -5.88
CA ARG C 71 53.80 16.34 -5.23
C ARG C 71 54.28 14.90 -5.31
N PHE C 72 53.40 13.95 -5.60
CA PHE C 72 53.78 12.55 -5.75
C PHE C 72 53.87 12.21 -7.23
N THR C 73 55.06 11.84 -7.69
CA THR C 73 55.30 11.57 -9.10
C THR C 73 55.11 10.10 -9.39
N ILE C 74 54.16 9.80 -10.27
CA ILE C 74 53.88 8.43 -10.70
C ILE C 74 54.20 8.30 -12.19
N SER C 75 54.75 7.15 -12.56
CA SER C 75 55.24 6.97 -13.92
C SER C 75 55.14 5.49 -14.29
N ARG C 76 54.98 5.24 -15.59
CA ARG C 76 54.77 3.90 -16.12
C ARG C 76 55.86 3.53 -17.12
N ASP C 77 56.34 2.30 -17.02
CA ASP C 77 57.21 1.69 -18.03
C ASP C 77 56.49 0.42 -18.48
N ASN C 78 55.96 0.42 -19.69
CA ASN C 78 55.23 -0.73 -20.20
C ASN C 78 56.15 -1.90 -20.53
N ALA C 79 57.40 -1.64 -20.85
CA ALA C 79 58.34 -2.73 -21.16
C ALA C 79 58.72 -3.49 -19.90
N LYS C 80 59.12 -2.76 -18.86
CA LYS C 80 59.47 -3.40 -17.60
C LYS C 80 58.25 -3.83 -16.79
N ASN C 81 57.07 -3.30 -17.13
CA ASN C 81 55.79 -3.54 -16.46
C ASN C 81 55.89 -3.22 -14.96
N THR C 82 56.40 -2.02 -14.67
CA THR C 82 56.64 -1.59 -13.30
C THR C 82 56.33 -0.11 -13.18
N VAL C 83 55.46 0.24 -12.25
CA VAL C 83 55.03 1.61 -12.01
C VAL C 83 55.64 2.09 -10.70
N TYR C 84 56.35 3.22 -10.75
CA TYR C 84 57.04 3.78 -9.61
C TYR C 84 56.26 4.96 -9.03
N LEU C 85 56.52 5.24 -7.75
CA LEU C 85 55.87 6.34 -7.04
C LEU C 85 56.94 7.13 -6.32
N GLN C 86 57.31 8.29 -6.87
CA GLN C 86 58.32 9.14 -6.28
C GLN C 86 57.69 10.02 -5.20
N MET C 87 58.36 10.12 -4.05
CA MET C 87 57.87 10.89 -2.91
C MET C 87 58.85 12.00 -2.58
N ASN C 88 58.32 13.20 -2.33
CA ASN C 88 59.12 14.35 -1.97
C ASN C 88 58.41 15.14 -0.87
N SER C 89 59.22 15.80 -0.03
CA SER C 89 58.78 16.58 1.13
C SER C 89 57.92 15.71 2.07
N LEU C 90 58.56 14.68 2.61
CA LEU C 90 57.87 13.59 3.29
C LEU C 90 57.27 14.06 4.61
N LYS C 91 55.95 14.21 4.64
CA LYS C 91 55.24 14.61 5.83
C LYS C 91 55.26 13.47 6.85
N PRO C 92 55.23 13.79 8.15
CA PRO C 92 55.35 12.73 9.17
C PRO C 92 54.14 11.79 9.27
N GLU C 93 53.04 12.09 8.60
CA GLU C 93 51.87 11.21 8.61
C GLU C 93 51.91 10.22 7.44
N ASP C 94 53.06 9.58 7.24
CA ASP C 94 53.28 8.69 6.11
C ASP C 94 53.94 7.40 6.58
N THR C 95 53.62 6.98 7.80
CA THR C 95 54.13 5.74 8.36
C THR C 95 53.29 4.54 7.91
N ALA C 96 52.17 4.81 7.26
CA ALA C 96 51.26 3.76 6.79
C ALA C 96 51.89 2.96 5.67
N VAL C 97 51.27 1.82 5.38
CA VAL C 97 51.76 0.91 4.37
C VAL C 97 51.21 1.32 3.00
N TYR C 98 52.08 1.32 1.99
CA TYR C 98 51.80 1.82 0.65
C TYR C 98 51.98 0.68 -0.36
N TYR C 99 50.88 0.15 -0.87
CA TYR C 99 50.94 -0.99 -1.77
C TYR C 99 50.05 -0.77 -2.98
N CYS C 100 50.44 -1.37 -4.10
CA CYS C 100 49.82 -1.12 -5.40
C CYS C 100 48.69 -2.11 -5.67
N ARG C 101 47.78 -1.68 -6.53
CA ARG C 101 46.44 -2.25 -6.67
C ARG C 101 46.12 -2.41 -8.16
N VAL C 102 46.97 -3.15 -8.88
CA VAL C 102 46.79 -3.34 -10.32
C VAL C 102 45.45 -4.00 -10.65
N LYS C 103 44.70 -3.38 -11.56
CA LYS C 103 43.34 -3.78 -11.87
C LYS C 103 43.29 -4.50 -13.22
N VAL C 104 43.07 -5.81 -13.18
CA VAL C 104 42.98 -6.62 -14.39
C VAL C 104 41.55 -7.14 -14.41
N GLY C 105 40.63 -6.31 -13.93
CA GLY C 105 39.23 -6.70 -13.85
C GLY C 105 38.82 -6.90 -12.41
N ALA C 106 39.71 -7.53 -11.66
CA ALA C 106 39.65 -7.55 -10.22
C ALA C 106 40.98 -7.02 -9.69
N TYR C 107 40.90 -6.18 -8.68
CA TYR C 107 42.06 -5.48 -8.16
C TYR C 107 42.96 -6.46 -7.43
N TYR C 108 44.12 -6.75 -7.99
CA TYR C 108 45.07 -7.63 -7.31
C TYR C 108 46.04 -6.74 -6.54
N ARG C 109 46.36 -7.12 -5.31
CA ARG C 109 47.26 -6.27 -4.53
C ARG C 109 48.13 -7.10 -3.61
N GLY C 110 49.27 -6.52 -3.25
CA GLY C 110 50.21 -7.16 -2.33
C GLY C 110 50.28 -6.41 -1.03
N GLN C 111 51.30 -6.68 -0.22
CA GLN C 111 51.38 -6.07 1.10
C GLN C 111 52.76 -5.57 1.51
N GLY C 112 53.83 -5.96 0.83
CA GLY C 112 55.17 -5.86 1.35
C GLY C 112 55.93 -4.55 1.20
N THR C 113 55.65 -3.55 2.04
CA THR C 113 56.54 -2.39 2.11
C THR C 113 56.66 -1.95 3.57
N GLN C 114 57.63 -1.07 3.81
CA GLN C 114 57.90 -0.54 5.14
C GLN C 114 58.15 0.97 5.05
N VAL C 115 57.21 1.68 4.42
CA VAL C 115 57.30 3.14 4.35
C VAL C 115 57.10 3.71 5.74
N THR C 116 58.17 4.26 6.32
CA THR C 116 58.16 4.77 7.68
C THR C 116 58.83 6.13 7.72
N VAL C 117 58.08 7.15 8.14
CA VAL C 117 58.58 8.52 8.21
C VAL C 117 58.57 8.95 9.67
N SER C 118 59.74 9.32 10.18
CA SER C 118 59.86 9.78 11.56
C SER C 118 59.85 11.30 11.63
N MET D 1 -16.79 -40.89 -14.31
CA MET D 1 -17.76 -39.82 -14.54
C MET D 1 -17.99 -39.04 -13.26
N ILE D 2 -18.41 -37.78 -13.40
CA ILE D 2 -18.62 -36.91 -12.25
C ILE D 2 -20.08 -36.51 -12.19
N THR D 3 -20.56 -36.31 -10.97
CA THR D 3 -21.90 -35.83 -10.73
C THR D 3 -21.93 -34.31 -10.75
N ALA D 4 -23.10 -33.76 -11.10
CA ALA D 4 -23.22 -32.32 -11.27
C ALA D 4 -23.24 -31.56 -9.95
N ALA D 5 -23.40 -32.25 -8.83
CA ALA D 5 -23.24 -31.58 -7.54
C ALA D 5 -21.78 -31.47 -7.14
N ASP D 6 -20.94 -32.40 -7.59
CA ASP D 6 -19.53 -32.34 -7.29
C ASP D 6 -18.83 -31.26 -8.11
N PHE D 7 -19.43 -30.87 -9.23
CA PHE D 7 -18.97 -29.70 -9.96
C PHE D 7 -19.31 -28.42 -9.22
N TYR D 8 -20.31 -28.43 -8.38
CA TYR D 8 -20.64 -27.23 -7.63
C TYR D 8 -19.70 -27.00 -6.47
N HIS D 9 -19.14 -28.07 -5.89
CA HIS D 9 -18.17 -27.91 -4.82
C HIS D 9 -16.85 -27.34 -5.32
N VAL D 10 -16.53 -27.57 -6.58
CA VAL D 10 -15.32 -26.99 -7.17
C VAL D 10 -15.52 -25.50 -7.39
N MET D 11 -16.69 -25.11 -7.90
CA MET D 11 -16.99 -23.70 -8.13
C MET D 11 -17.13 -22.94 -6.82
N THR D 12 -17.59 -23.60 -5.76
CA THR D 12 -17.72 -22.98 -4.45
C THR D 12 -16.35 -22.64 -3.88
N ALA D 13 -15.30 -23.37 -4.27
CA ALA D 13 -13.97 -23.17 -3.74
C ALA D 13 -13.04 -22.43 -4.70
N MET D 14 -13.47 -22.14 -5.92
CA MET D 14 -12.58 -21.52 -6.90
C MET D 14 -13.07 -20.18 -7.41
N VAL D 15 -14.38 -20.03 -7.58
CA VAL D 15 -14.93 -18.72 -7.92
C VAL D 15 -14.66 -17.66 -6.87
N PRO D 16 -14.66 -17.93 -5.55
CA PRO D 16 -14.15 -16.92 -4.61
C PRO D 16 -12.71 -16.49 -4.80
N LEU D 17 -11.87 -17.27 -5.46
CA LEU D 17 -10.52 -16.83 -5.73
C LEU D 17 -10.46 -15.85 -6.88
N TYR D 18 -11.27 -16.04 -7.92
CA TYR D 18 -11.27 -15.14 -9.06
C TYR D 18 -12.07 -13.88 -8.82
N VAL D 19 -12.99 -13.88 -7.87
CA VAL D 19 -13.67 -12.65 -7.49
C VAL D 19 -12.68 -11.70 -6.84
N ALA D 20 -11.83 -12.21 -5.96
CA ALA D 20 -10.81 -11.39 -5.33
C ALA D 20 -9.74 -10.92 -6.30
N MET D 21 -9.57 -11.60 -7.42
CA MET D 21 -8.53 -11.27 -8.39
C MET D 21 -8.99 -10.27 -9.43
N ILE D 22 -10.27 -10.30 -9.81
CA ILE D 22 -10.76 -9.36 -10.81
C ILE D 22 -11.11 -8.02 -10.16
N LEU D 23 -11.48 -8.02 -8.89
CA LEU D 23 -11.63 -6.76 -8.15
C LEU D 23 -10.34 -5.99 -8.02
N ALA D 24 -9.21 -6.67 -8.03
CA ALA D 24 -7.93 -5.98 -7.98
C ALA D 24 -7.41 -5.66 -9.36
N TYR D 25 -7.73 -6.47 -10.36
CA TYR D 25 -7.45 -6.08 -11.73
C TYR D 25 -8.34 -4.91 -12.13
N GLY D 26 -9.54 -4.83 -11.59
CA GLY D 26 -10.39 -3.71 -11.90
C GLY D 26 -9.96 -2.43 -11.21
N SER D 27 -9.47 -2.54 -9.98
CA SER D 27 -9.14 -1.35 -9.21
C SER D 27 -7.85 -0.68 -9.64
N VAL D 28 -7.14 -1.23 -10.61
CA VAL D 28 -5.95 -0.61 -11.18
C VAL D 28 -6.15 -0.32 -12.67
N LYS D 29 -6.53 -1.35 -13.44
CA LYS D 29 -6.65 -1.19 -14.87
C LYS D 29 -7.86 -0.37 -15.26
N TRP D 30 -9.01 -0.67 -14.65
CA TRP D 30 -10.29 -0.10 -15.06
C TRP D 30 -10.64 1.18 -14.30
N TRP D 31 -10.68 1.12 -12.98
CA TRP D 31 -11.25 2.21 -12.22
C TRP D 31 -10.25 3.02 -11.42
N LYS D 32 -8.95 2.70 -11.53
CA LYS D 32 -7.84 3.59 -11.17
C LYS D 32 -7.84 3.98 -9.69
N ILE D 33 -8.14 3.01 -8.83
CA ILE D 33 -8.17 3.29 -7.40
C ILE D 33 -6.76 3.41 -6.84
N PHE D 34 -5.90 2.45 -7.12
CA PHE D 34 -4.59 2.36 -6.50
C PHE D 34 -3.53 2.95 -7.41
N THR D 35 -2.79 3.92 -6.88
CA THR D 35 -1.55 4.37 -7.48
C THR D 35 -0.55 3.21 -7.47
N PRO D 36 0.29 3.07 -8.51
CA PRO D 36 1.28 1.99 -8.51
C PRO D 36 2.31 2.04 -7.38
N ASP D 37 2.40 3.11 -6.61
CA ASP D 37 3.15 3.09 -5.37
C ASP D 37 2.29 2.61 -4.20
N GLN D 38 1.01 2.98 -4.18
CA GLN D 38 0.07 2.40 -3.22
C GLN D 38 -0.11 0.92 -3.48
N CYS D 39 -0.13 0.54 -4.75
CA CYS D 39 -0.37 -0.85 -5.14
C CYS D 39 0.78 -1.76 -4.73
N SER D 40 1.98 -1.20 -4.58
CA SER D 40 3.16 -1.92 -4.11
C SER D 40 3.28 -1.93 -2.60
N GLY D 41 2.26 -1.47 -1.89
CA GLY D 41 2.28 -1.51 -0.45
C GLY D 41 1.41 -2.64 0.03
N ILE D 42 0.52 -3.09 -0.84
CA ILE D 42 -0.29 -4.26 -0.56
C ILE D 42 0.48 -5.52 -0.88
N ASN D 43 1.30 -5.51 -1.94
CA ASN D 43 2.19 -6.63 -2.21
C ASN D 43 3.24 -6.80 -1.13
N ARG D 44 3.67 -5.69 -0.54
CA ARG D 44 4.62 -5.75 0.56
C ARG D 44 3.98 -6.45 1.74
N PHE D 45 2.75 -6.09 2.05
CA PHE D 45 2.07 -6.68 3.20
C PHE D 45 1.85 -8.17 3.02
N VAL D 46 1.43 -8.58 1.83
CA VAL D 46 1.11 -9.98 1.58
C VAL D 46 2.38 -10.83 1.59
N ALA D 47 3.46 -10.31 1.04
CA ALA D 47 4.69 -11.08 0.95
C ALA D 47 5.37 -11.28 2.30
N LEU D 48 5.08 -10.45 3.29
CA LEU D 48 5.76 -10.53 4.58
C LEU D 48 4.85 -10.99 5.70
N PHE D 49 3.59 -10.56 5.73
CA PHE D 49 2.73 -10.83 6.86
C PHE D 49 1.63 -11.84 6.58
N ALA D 50 1.09 -11.88 5.38
CA ALA D 50 -0.12 -12.67 5.17
C ALA D 50 0.18 -14.10 4.71
N VAL D 51 1.11 -14.28 3.79
CA VAL D 51 1.48 -15.61 3.30
C VAL D 51 2.39 -16.36 4.28
N PRO D 52 3.36 -15.76 4.98
CA PRO D 52 4.02 -16.49 6.06
C PRO D 52 3.12 -16.84 7.23
N LEU D 53 1.98 -16.20 7.40
CA LEU D 53 1.05 -16.65 8.42
C LEU D 53 0.02 -17.60 7.87
N LEU D 54 -0.23 -17.57 6.56
CA LEU D 54 -1.08 -18.57 5.95
C LEU D 54 -0.37 -19.90 5.84
N SER D 55 0.93 -19.88 5.52
CA SER D 55 1.67 -21.12 5.42
C SER D 55 2.02 -21.67 6.79
N PHE D 56 2.10 -20.82 7.82
CA PHE D 56 2.25 -21.34 9.17
C PHE D 56 1.00 -22.07 9.62
N HIS D 57 -0.17 -21.52 9.30
CA HIS D 57 -1.45 -22.07 9.71
C HIS D 57 -1.68 -23.47 9.15
N PHE D 58 -1.18 -23.73 7.95
CA PHE D 58 -1.32 -25.04 7.33
C PHE D 58 -0.28 -26.02 7.83
N ILE D 59 0.96 -25.58 7.99
CA ILE D 59 2.03 -26.49 8.38
C ILE D 59 1.90 -26.87 9.85
N ALA D 60 1.51 -25.93 10.71
CA ALA D 60 1.38 -26.23 12.14
C ALA D 60 0.19 -27.13 12.45
N ALA D 61 -0.76 -27.26 11.53
CA ALA D 61 -1.88 -28.19 11.70
C ALA D 61 -1.66 -29.49 10.97
N ASN D 62 -0.51 -29.65 10.32
CA ASN D 62 -0.17 -30.93 9.71
C ASN D 62 0.27 -31.91 10.79
N ASN D 63 0.07 -33.20 10.53
CA ASN D 63 0.58 -34.23 11.41
C ASN D 63 1.80 -34.84 10.76
N PRO D 64 3.01 -34.51 11.22
CA PRO D 64 4.22 -35.03 10.55
C PRO D 64 4.50 -36.49 10.83
N TYR D 65 3.72 -37.13 11.69
CA TYR D 65 3.88 -38.54 11.98
C TYR D 65 2.93 -39.41 11.17
N ALA D 66 2.02 -38.81 10.42
CA ALA D 66 1.04 -39.55 9.66
C ALA D 66 1.02 -39.05 8.21
N MET D 67 2.17 -38.68 7.69
CA MET D 67 2.27 -38.26 6.30
C MET D 67 2.30 -39.47 5.39
N ASN D 68 1.56 -39.40 4.29
CA ASN D 68 1.43 -40.51 3.35
C ASN D 68 2.74 -40.61 2.58
N LEU D 69 3.59 -41.54 2.99
CA LEU D 69 4.94 -41.58 2.45
C LEU D 69 4.99 -42.21 1.06
N ARG D 70 3.95 -42.95 0.68
CA ARG D 70 3.91 -43.46 -0.69
C ARG D 70 3.50 -42.37 -1.66
N PHE D 71 2.51 -41.55 -1.29
CA PHE D 71 2.15 -40.39 -2.08
C PHE D 71 3.27 -39.38 -2.11
N LEU D 72 4.00 -39.24 -1.02
CA LEU D 72 5.01 -38.20 -0.93
C LEU D 72 6.25 -38.55 -1.72
N ALA D 73 6.45 -39.81 -2.06
CA ALA D 73 7.59 -40.21 -2.88
C ALA D 73 7.31 -40.05 -4.35
N ALA D 74 6.04 -39.99 -4.75
CA ALA D 74 5.72 -39.76 -6.14
C ALA D 74 5.90 -38.31 -6.53
N ASP D 75 5.78 -37.39 -5.57
CA ASP D 75 6.04 -35.99 -5.84
C ASP D 75 7.53 -35.69 -5.84
N SER D 76 8.30 -36.43 -5.06
CA SER D 76 9.74 -36.24 -5.01
C SER D 76 10.47 -37.13 -6.01
N LEU D 77 9.75 -37.87 -6.85
CA LEU D 77 10.33 -38.58 -7.97
C LEU D 77 9.98 -37.93 -9.30
N GLN D 78 8.90 -37.14 -9.34
CA GLN D 78 8.73 -36.15 -10.39
C GLN D 78 9.94 -35.25 -10.50
N LYS D 79 10.38 -34.69 -9.38
CA LYS D 79 11.40 -33.67 -9.34
C LYS D 79 12.80 -34.23 -9.35
N VAL D 80 12.94 -35.54 -9.53
CA VAL D 80 14.23 -36.17 -9.80
C VAL D 80 14.32 -36.64 -11.24
N ILE D 81 13.24 -37.16 -11.80
CA ILE D 81 13.20 -37.49 -13.22
C ILE D 81 13.33 -36.23 -14.06
N VAL D 82 12.73 -35.14 -13.62
CA VAL D 82 12.89 -33.87 -14.31
C VAL D 82 14.31 -33.34 -14.14
N LEU D 83 14.81 -33.39 -12.92
CA LEU D 83 16.09 -32.75 -12.63
C LEU D 83 17.27 -33.61 -13.07
N SER D 84 17.07 -34.90 -13.33
CA SER D 84 18.13 -35.70 -13.94
C SER D 84 18.26 -35.45 -15.41
N LEU D 85 17.14 -35.30 -16.11
CA LEU D 85 17.19 -35.07 -17.54
C LEU D 85 17.73 -33.68 -17.87
N LEU D 86 17.54 -32.72 -16.95
CA LEU D 86 18.15 -31.41 -17.15
C LEU D 86 19.64 -31.44 -16.86
N PHE D 87 20.08 -32.27 -15.91
CA PHE D 87 21.51 -32.43 -15.68
C PHE D 87 22.18 -33.15 -16.83
N LEU D 88 21.50 -34.13 -17.43
CA LEU D 88 22.00 -34.79 -18.64
C LEU D 88 21.56 -34.11 -19.90
N TRP D 89 21.30 -32.82 -19.85
CA TRP D 89 21.13 -32.00 -21.04
C TRP D 89 22.11 -30.86 -21.12
N CYS D 90 22.40 -30.20 -19.99
CA CYS D 90 23.39 -29.13 -20.00
C CYS D 90 24.80 -29.67 -20.13
N LYS D 91 25.05 -30.91 -19.69
CA LYS D 91 26.38 -31.48 -19.79
C LYS D 91 26.65 -32.11 -21.14
N LEU D 92 25.64 -32.71 -21.76
CA LEU D 92 25.84 -33.35 -23.06
C LEU D 92 25.79 -32.36 -24.20
N SER D 93 24.65 -31.71 -24.40
CA SER D 93 24.49 -30.81 -25.53
C SER D 93 25.14 -29.46 -25.22
N ARG D 94 25.85 -28.92 -26.22
CA ARG D 94 26.61 -27.70 -26.00
C ARG D 94 25.74 -26.46 -25.94
N ASN D 95 24.51 -26.53 -26.42
CA ASN D 95 23.64 -25.36 -26.36
C ASN D 95 22.96 -25.20 -25.01
N GLY D 96 23.05 -26.21 -24.14
CA GLY D 96 22.38 -26.13 -22.86
C GLY D 96 23.09 -25.20 -21.90
N SER D 97 22.31 -24.51 -21.10
CA SER D 97 22.83 -23.51 -20.17
C SER D 97 22.26 -23.80 -18.80
N LEU D 98 22.74 -23.06 -17.80
CA LEU D 98 22.21 -23.15 -16.46
C LEU D 98 21.07 -22.16 -16.24
N ASP D 99 20.91 -21.18 -17.13
CA ASP D 99 19.79 -20.28 -17.04
C ASP D 99 18.47 -20.95 -17.43
N TRP D 100 18.52 -22.00 -18.25
CA TRP D 100 17.31 -22.74 -18.59
C TRP D 100 17.06 -23.92 -17.69
N THR D 101 18.09 -24.44 -17.04
CA THR D 101 17.86 -25.52 -16.08
C THR D 101 17.07 -25.02 -14.88
N ILE D 102 17.25 -23.77 -14.49
CA ILE D 102 16.45 -23.25 -13.39
C ILE D 102 15.06 -22.89 -13.88
N THR D 103 14.93 -22.47 -15.14
CA THR D 103 13.64 -22.08 -15.66
C THR D 103 12.76 -23.30 -15.91
N LEU D 104 13.30 -24.32 -16.56
CA LEU D 104 12.52 -25.51 -16.83
C LEU D 104 12.25 -26.34 -15.60
N PHE D 105 13.00 -26.13 -14.52
CA PHE D 105 12.65 -26.80 -13.27
C PHE D 105 11.52 -26.09 -12.55
N SER D 106 11.43 -24.77 -12.68
CA SER D 106 10.32 -24.05 -12.08
C SER D 106 9.05 -24.23 -12.89
N LEU D 107 9.16 -24.24 -14.21
CA LEU D 107 8.00 -24.31 -15.08
C LEU D 107 7.35 -25.68 -15.10
N SER D 108 8.03 -26.72 -14.69
CA SER D 108 7.46 -28.04 -14.86
C SER D 108 7.21 -28.78 -13.56
N THR D 109 7.75 -28.34 -12.44
CA THR D 109 7.60 -29.11 -11.21
C THR D 109 7.10 -28.35 -9.99
N LEU D 110 7.03 -27.02 -10.02
CA LEU D 110 6.66 -26.27 -8.82
C LEU D 110 5.37 -25.50 -9.03
N PRO D 111 4.22 -26.09 -8.72
CA PRO D 111 2.96 -25.38 -8.90
C PRO D 111 2.57 -24.47 -7.76
N ASN D 112 1.33 -23.93 -7.76
CA ASN D 112 0.74 -23.04 -6.71
C ASN D 112 -0.04 -23.88 -5.89
N THR D 113 0.59 -24.53 -4.97
CA THR D 113 -0.09 -25.49 -4.13
C THR D 113 -0.69 -24.85 -2.88
N LEU D 114 -0.15 -23.73 -2.43
CA LEU D 114 -0.57 -23.17 -1.16
C LEU D 114 -1.88 -22.41 -1.29
N VAL D 115 -1.95 -21.49 -2.24
CA VAL D 115 -3.10 -20.60 -2.31
C VAL D 115 -4.20 -21.18 -3.20
N MET D 116 -3.91 -21.86 -4.27
CA MET D 116 -4.90 -22.46 -5.07
C MET D 116 -4.89 -23.91 -5.12
N GLY D 117 -3.96 -24.63 -4.56
CA GLY D 117 -4.02 -26.08 -4.56
C GLY D 117 -4.75 -26.69 -3.39
N ILE D 118 -4.62 -26.11 -2.20
CA ILE D 118 -5.34 -26.62 -1.04
C ILE D 118 -6.83 -26.32 -1.15
N PRO D 119 -7.31 -25.10 -1.53
CA PRO D 119 -8.76 -24.96 -1.74
C PRO D 119 -9.31 -25.75 -2.90
N LEU D 120 -8.56 -25.92 -3.98
CA LEU D 120 -9.07 -26.62 -5.15
C LEU D 120 -9.27 -28.10 -4.88
N LEU D 121 -8.21 -28.78 -4.43
CA LEU D 121 -8.29 -30.23 -4.27
C LEU D 121 -9.12 -30.63 -3.07
N LYS D 122 -9.41 -29.70 -2.16
CA LYS D 122 -10.32 -30.01 -1.06
C LYS D 122 -11.75 -30.09 -1.54
N GLY D 123 -12.13 -29.25 -2.50
CA GLY D 123 -13.46 -29.33 -3.06
C GLY D 123 -13.64 -30.48 -4.03
N MET D 124 -12.58 -30.88 -4.72
CA MET D 124 -12.73 -31.91 -5.75
C MET D 124 -12.84 -33.29 -5.13
N TYR D 125 -11.98 -33.61 -4.16
CA TYR D 125 -11.93 -34.95 -3.61
C TYR D 125 -12.31 -35.04 -2.15
N GLY D 126 -12.17 -33.98 -1.37
CA GLY D 126 -12.61 -34.05 0.00
C GLY D 126 -11.59 -33.53 1.01
N ASN D 127 -11.78 -33.88 2.27
CA ASN D 127 -10.90 -33.38 3.32
C ASN D 127 -9.57 -34.12 3.40
N PHE D 128 -9.44 -35.27 2.75
CA PHE D 128 -8.16 -35.97 2.76
C PHE D 128 -7.19 -35.40 1.74
N SER D 129 -7.69 -34.94 0.58
CA SER D 129 -6.79 -34.37 -0.41
C SER D 129 -6.46 -32.93 -0.07
N GLY D 130 -7.26 -32.29 0.76
CA GLY D 130 -6.81 -31.05 1.36
C GLY D 130 -5.82 -31.24 2.49
N ASP D 131 -5.66 -32.47 2.95
CA ASP D 131 -4.63 -32.82 3.91
C ASP D 131 -3.39 -33.35 3.23
N LEU D 132 -3.51 -33.82 1.98
CA LEU D 132 -2.35 -34.26 1.22
C LEU D 132 -1.65 -33.09 0.56
N MET D 133 -2.38 -32.03 0.21
CA MET D 133 -1.75 -30.87 -0.38
C MET D 133 -0.95 -30.07 0.63
N VAL D 134 -1.27 -30.19 1.92
CA VAL D 134 -0.45 -29.55 2.94
C VAL D 134 0.89 -30.24 3.04
N GLN D 135 0.91 -31.55 2.82
CA GLN D 135 2.14 -32.33 2.89
C GLN D 135 3.09 -32.02 1.74
N ILE D 136 2.58 -31.48 0.64
CA ILE D 136 3.44 -31.06 -0.45
C ILE D 136 3.96 -29.64 -0.21
N VAL D 137 3.12 -28.78 0.38
CA VAL D 137 3.54 -27.42 0.75
C VAL D 137 4.65 -27.44 1.79
N VAL D 138 4.66 -28.45 2.67
CA VAL D 138 5.77 -28.63 3.60
C VAL D 138 7.05 -28.97 2.84
N LEU D 139 6.96 -29.85 1.85
CA LEU D 139 8.15 -30.25 1.11
C LEU D 139 8.58 -29.24 0.06
N GLN D 140 7.81 -28.34 -0.42
CA GLN D 140 8.24 -27.35 -1.31
C GLN D 140 8.91 -26.35 -0.46
N CYS D 141 8.35 -25.83 0.61
CA CYS D 141 8.94 -24.76 1.41
C CYS D 141 10.28 -25.14 2.00
N ILE D 142 10.47 -26.40 2.39
CA ILE D 142 11.64 -26.78 3.15
C ILE D 142 12.67 -27.52 2.31
N ILE D 143 12.32 -28.01 1.11
CA ILE D 143 13.29 -28.71 0.29
C ILE D 143 13.43 -28.09 -1.10
N TRP D 144 12.32 -27.89 -1.80
CA TRP D 144 12.46 -27.56 -3.21
C TRP D 144 12.57 -26.07 -3.46
N TYR D 145 12.29 -25.24 -2.55
CA TYR D 145 12.49 -23.86 -2.76
C TYR D 145 13.69 -23.44 -1.99
N THR D 146 14.57 -24.34 -1.58
CA THR D 146 15.77 -24.12 -0.82
C THR D 146 16.76 -24.91 -1.50
N LEU D 147 16.51 -25.43 -2.69
CA LEU D 147 17.46 -26.10 -3.51
C LEU D 147 17.47 -25.23 -4.56
N MET D 148 16.34 -24.79 -5.04
CA MET D 148 16.29 -23.82 -6.12
C MET D 148 16.97 -22.52 -5.72
N LEU D 149 17.07 -22.23 -4.42
CA LEU D 149 17.84 -21.09 -3.96
C LEU D 149 19.33 -21.35 -4.07
N PHE D 150 19.77 -22.60 -3.98
CA PHE D 150 21.17 -22.92 -4.24
C PHE D 150 21.50 -22.75 -5.72
N LEU D 151 20.54 -23.02 -6.60
CA LEU D 151 20.83 -22.91 -8.03
C LEU D 151 20.85 -21.46 -8.50
N PHE D 152 20.24 -20.55 -7.76
CA PHE D 152 20.37 -19.13 -8.10
C PHE D 152 21.62 -18.52 -7.50
N GLU D 153 22.01 -19.00 -6.33
CA GLU D 153 23.24 -18.51 -5.73
C GLU D 153 24.43 -19.04 -6.49
N TYR D 154 24.37 -20.28 -6.95
CA TYR D 154 25.47 -20.79 -7.77
C TYR D 154 25.53 -20.09 -9.11
N ARG D 155 24.39 -19.67 -9.64
CA ARG D 155 24.38 -18.97 -10.91
C ARG D 155 24.95 -17.57 -10.75
N GLY D 156 24.79 -16.96 -9.59
CA GLY D 156 25.35 -15.65 -9.33
C GLY D 156 26.82 -15.69 -9.00
N ALA D 157 27.25 -16.70 -8.26
CA ALA D 157 28.65 -16.83 -7.89
C ALA D 157 29.52 -17.39 -8.99
N LYS D 158 28.93 -17.89 -10.07
CA LYS D 158 29.71 -18.36 -11.21
C LYS D 158 29.91 -17.28 -12.24
N LEU D 159 28.97 -16.34 -12.33
CA LEU D 159 29.14 -15.20 -13.23
C LEU D 159 30.24 -14.28 -12.75
N LEU D 160 30.30 -14.03 -11.43
CA LEU D 160 31.22 -13.03 -10.91
C LEU D 160 32.67 -13.46 -11.03
N ILE D 161 32.92 -14.76 -11.03
CA ILE D 161 34.29 -15.24 -11.18
C ILE D 161 34.65 -15.42 -12.65
N SER D 162 33.69 -15.75 -13.51
CA SER D 162 33.98 -15.82 -14.94
C SER D 162 34.18 -14.44 -15.54
N GLU D 163 33.52 -13.42 -15.00
CA GLU D 163 33.70 -12.07 -15.52
C GLU D 163 34.99 -11.44 -15.04
N GLN D 164 35.42 -11.75 -13.82
CA GLN D 164 36.47 -11.00 -13.18
C GLN D 164 37.74 -11.78 -12.90
N PHE D 165 37.69 -13.10 -12.88
CA PHE D 165 38.90 -13.93 -12.77
C PHE D 165 38.94 -14.90 -13.94
N PRO D 166 39.18 -14.39 -15.17
CA PRO D 166 39.02 -15.27 -16.34
C PRO D 166 40.20 -16.20 -16.57
N ASP D 167 41.40 -15.85 -16.11
CA ASP D 167 42.59 -16.64 -16.39
C ASP D 167 43.34 -17.03 -15.13
N THR D 168 42.83 -16.67 -13.96
CA THR D 168 43.58 -16.80 -12.72
C THR D 168 42.85 -17.64 -11.69
N ALA D 169 41.56 -17.90 -11.90
CA ALA D 169 40.65 -18.45 -10.89
C ALA D 169 41.01 -19.85 -10.41
N GLY D 170 41.94 -20.55 -11.07
CA GLY D 170 42.34 -21.86 -10.58
C GLY D 170 43.18 -21.86 -9.33
N SER D 171 43.54 -20.68 -8.82
CA SER D 171 44.43 -20.56 -7.68
C SER D 171 43.78 -19.85 -6.50
N ILE D 172 42.45 -19.67 -6.53
CA ILE D 172 41.77 -19.00 -5.44
C ILE D 172 41.68 -19.92 -4.23
N VAL D 173 42.08 -19.42 -3.07
CA VAL D 173 42.07 -20.20 -1.85
C VAL D 173 40.80 -19.99 -1.05
N SER D 174 40.38 -18.74 -0.88
CA SER D 174 39.16 -18.46 -0.14
C SER D 174 38.49 -17.24 -0.73
N ILE D 175 37.18 -17.15 -0.57
CA ILE D 175 36.40 -16.02 -1.03
C ILE D 175 35.58 -15.50 0.13
N HIS D 176 35.93 -14.32 0.64
CA HIS D 176 35.23 -13.68 1.74
C HIS D 176 34.33 -12.60 1.18
N VAL D 177 33.03 -12.71 1.41
CA VAL D 177 32.08 -11.68 1.00
C VAL D 177 31.79 -10.84 2.23
N ASP D 178 31.85 -9.52 2.06
CA ASP D 178 31.51 -8.62 3.14
C ASP D 178 30.03 -8.71 3.46
N SER D 179 29.71 -8.48 4.73
CA SER D 179 28.38 -8.73 5.28
C SER D 179 27.34 -7.72 4.80
N ASP D 180 27.75 -6.65 4.15
CA ASP D 180 26.81 -5.71 3.56
C ASP D 180 26.14 -6.30 2.33
N ILE D 181 26.85 -7.13 1.57
CA ILE D 181 26.39 -7.62 0.28
C ILE D 181 25.43 -8.78 0.50
N MET D 182 24.24 -8.68 -0.07
CA MET D 182 23.26 -9.75 0.02
C MET D 182 23.07 -10.49 -1.30
N SER D 183 23.01 -9.75 -2.41
CA SER D 183 22.91 -10.34 -3.74
C SER D 183 24.01 -9.73 -4.61
N LEU D 184 24.87 -10.59 -5.15
CA LEU D 184 25.99 -10.14 -5.96
C LEU D 184 25.73 -10.38 -7.44
N ASP D 185 24.48 -10.21 -7.85
CA ASP D 185 24.09 -10.40 -9.24
C ASP D 185 23.49 -9.11 -9.78
N GLY D 186 24.31 -8.33 -10.48
CA GLY D 186 23.84 -7.22 -11.30
C GLY D 186 23.13 -6.11 -10.57
N ARG D 187 23.41 -5.91 -9.31
CA ARG D 187 22.70 -4.93 -8.51
C ARG D 187 23.62 -3.90 -7.88
N GLN D 188 24.78 -4.32 -7.40
CA GLN D 188 25.72 -3.48 -6.67
C GLN D 188 27.03 -3.44 -7.44
N PRO D 189 27.87 -2.42 -7.22
CA PRO D 189 29.09 -2.31 -8.03
C PRO D 189 30.13 -3.39 -7.76
N LEU D 190 30.27 -3.84 -6.51
CA LEU D 190 31.03 -5.05 -6.14
C LEU D 190 32.50 -4.98 -6.52
N GLU D 191 33.22 -4.12 -5.80
CA GLU D 191 34.65 -4.01 -6.00
C GLU D 191 35.31 -5.20 -5.36
N THR D 192 35.62 -6.23 -6.15
CA THR D 192 36.33 -7.36 -5.58
C THR D 192 37.81 -7.05 -5.48
N GLU D 193 38.54 -7.93 -4.81
CA GLU D 193 39.96 -7.67 -4.56
C GLU D 193 40.65 -9.00 -4.28
N ALA D 194 41.83 -9.20 -4.82
CA ALA D 194 42.58 -10.41 -4.51
C ALA D 194 43.86 -10.09 -3.75
N GLU D 195 44.42 -11.12 -3.12
CA GLU D 195 45.56 -10.98 -2.21
C GLU D 195 46.62 -11.98 -2.62
N ILE D 196 47.62 -11.54 -3.37
CA ILE D 196 48.63 -12.47 -3.86
C ILE D 196 49.59 -12.79 -2.72
N LYS D 197 49.65 -14.08 -2.36
CA LYS D 197 50.52 -14.59 -1.32
C LYS D 197 51.85 -15.03 -1.91
N GLU D 198 52.66 -15.72 -1.10
CA GLU D 198 54.05 -15.98 -1.42
C GLU D 198 54.24 -17.10 -2.44
N ASP D 199 53.21 -17.90 -2.72
CA ASP D 199 53.38 -19.05 -3.61
C ASP D 199 52.24 -19.21 -4.60
N GLY D 200 51.74 -18.10 -5.15
CA GLY D 200 50.66 -18.15 -6.11
C GLY D 200 49.28 -18.31 -5.54
N LYS D 201 49.15 -18.38 -4.22
CA LYS D 201 47.84 -18.45 -3.59
C LYS D 201 47.14 -17.10 -3.72
N LEU D 202 45.84 -17.08 -3.49
CA LEU D 202 45.04 -15.93 -3.85
C LEU D 202 43.82 -15.85 -2.95
N HIS D 203 43.77 -14.83 -2.09
CA HIS D 203 42.63 -14.61 -1.21
C HIS D 203 41.74 -13.52 -1.79
N VAL D 204 40.49 -13.86 -2.04
CA VAL D 204 39.55 -12.97 -2.73
C VAL D 204 38.61 -12.38 -1.70
N THR D 205 38.41 -11.07 -1.77
CA THR D 205 37.52 -10.36 -0.86
C THR D 205 36.55 -9.53 -1.67
N VAL D 206 35.27 -9.89 -1.64
CA VAL D 206 34.26 -9.13 -2.35
C VAL D 206 33.77 -8.03 -1.44
N ARG D 207 33.73 -6.80 -1.94
CA ARG D 207 33.40 -5.63 -1.14
C ARG D 207 32.29 -4.82 -1.76
N ARG D 208 31.83 -3.84 -1.02
CA ARG D 208 30.94 -2.81 -1.53
C ARG D 208 31.75 -1.65 -2.08
N SER D 209 31.38 -1.15 -3.25
CA SER D 209 32.13 -0.09 -3.91
C SER D 209 31.40 1.24 -3.83
N ASN D 210 32.19 2.30 -3.72
CA ASN D 210 31.70 3.68 -3.79
C ASN D 210 32.66 4.47 -4.66
N ALA D 211 32.14 4.98 -5.78
CA ALA D 211 32.91 5.71 -6.80
C ALA D 211 34.12 4.93 -7.31
N MET D 455 37.89 -21.51 -12.97
CA MET D 455 37.44 -22.64 -12.18
C MET D 455 38.10 -22.70 -10.79
N PRO D 456 37.39 -22.21 -9.78
CA PRO D 456 37.87 -22.36 -8.41
C PRO D 456 37.69 -23.79 -7.95
N PRO D 457 38.39 -24.21 -6.89
CA PRO D 457 38.14 -25.54 -6.34
C PRO D 457 36.76 -25.62 -5.72
N THR D 458 36.25 -26.86 -5.63
CA THR D 458 34.91 -27.06 -5.10
C THR D 458 34.84 -26.86 -3.60
N SER D 459 35.97 -26.84 -2.91
CA SER D 459 35.96 -26.48 -1.50
C SER D 459 35.92 -24.97 -1.28
N VAL D 460 36.07 -24.19 -2.34
CA VAL D 460 36.00 -22.74 -2.27
C VAL D 460 34.61 -22.23 -2.66
N MET D 461 34.05 -22.79 -3.72
CA MET D 461 32.72 -22.39 -4.15
C MET D 461 31.66 -22.87 -3.19
N THR D 462 31.78 -24.11 -2.69
CA THR D 462 30.78 -24.61 -1.76
C THR D 462 30.96 -24.07 -0.34
N ARG D 463 31.97 -23.24 -0.11
CA ARG D 463 31.97 -22.39 1.06
C ARG D 463 31.38 -21.02 0.75
N LEU D 464 31.53 -20.55 -0.49
CA LEU D 464 30.97 -19.27 -0.90
C LEU D 464 29.46 -19.36 -1.08
N ILE D 465 28.95 -20.49 -1.58
CA ILE D 465 27.52 -20.60 -1.81
C ILE D 465 26.78 -20.68 -0.49
N LEU D 466 27.26 -21.49 0.45
CA LEU D 466 26.58 -21.69 1.73
C LEU D 466 26.55 -20.44 2.58
N ILE D 467 27.50 -19.52 2.40
CA ILE D 467 27.43 -18.24 3.11
C ILE D 467 26.27 -17.42 2.58
N MET D 468 26.19 -17.25 1.31
CA MET D 468 25.17 -16.43 0.70
C MET D 468 23.85 -17.07 0.75
N VAL D 469 23.73 -18.37 0.74
CA VAL D 469 22.44 -19.03 0.97
C VAL D 469 21.94 -18.74 2.37
N TRP D 470 22.84 -18.76 3.36
CA TRP D 470 22.48 -18.44 4.73
C TRP D 470 22.04 -16.99 4.90
N ARG D 471 22.57 -16.08 4.09
CA ARG D 471 22.17 -14.68 4.19
C ARG D 471 20.88 -14.39 3.44
N LYS D 472 20.43 -15.29 2.58
CA LYS D 472 19.13 -15.16 1.97
C LYS D 472 18.07 -15.99 2.69
N LEU D 473 18.46 -16.76 3.68
CA LEU D 473 17.55 -17.71 4.31
C LEU D 473 17.08 -17.22 5.66
N ILE D 474 17.86 -16.34 6.31
CA ILE D 474 17.44 -15.70 7.54
C ILE D 474 16.77 -14.35 7.31
N ARG D 475 16.85 -13.81 6.09
CA ARG D 475 16.09 -12.64 5.71
C ARG D 475 14.81 -13.00 4.98
N ASN D 476 14.53 -14.29 4.85
CA ASN D 476 13.38 -14.77 4.12
C ASN D 476 12.26 -15.07 5.10
N PRO D 477 11.03 -14.52 4.86
CA PRO D 477 9.97 -14.71 5.85
C PRO D 477 9.34 -16.04 5.85
N ASN D 478 9.58 -16.89 4.85
CA ASN D 478 8.89 -18.18 4.76
C ASN D 478 9.81 -19.30 5.19
N SER D 479 10.78 -18.98 6.04
CA SER D 479 11.70 -19.92 6.51
C SER D 479 11.34 -19.88 7.90
N TYR D 480 10.94 -18.78 8.38
CA TYR D 480 10.45 -18.71 9.74
C TYR D 480 9.05 -19.31 9.85
N SER D 481 8.26 -19.19 8.79
CA SER D 481 6.98 -19.87 8.74
C SER D 481 7.16 -21.38 8.70
N SER D 482 8.21 -21.84 8.04
CA SER D 482 8.43 -23.27 7.87
C SER D 482 9.23 -23.87 9.01
N LEU D 483 10.08 -23.11 9.67
CA LEU D 483 10.78 -23.65 10.83
C LEU D 483 9.83 -23.77 12.01
N PHE D 484 9.13 -22.70 12.35
CA PHE D 484 8.23 -22.72 13.50
C PHE D 484 6.97 -23.53 13.24
N GLY D 485 6.59 -23.72 11.98
CA GLY D 485 5.44 -24.57 11.70
C GLY D 485 5.73 -26.03 11.90
N ILE D 486 6.92 -26.48 11.51
CA ILE D 486 7.32 -27.87 11.69
C ILE D 486 7.71 -28.15 13.12
N THR D 487 8.35 -27.18 13.79
CA THR D 487 8.74 -27.34 15.18
C THR D 487 7.53 -27.44 16.10
N TRP D 488 6.46 -26.70 15.80
CA TRP D 488 5.27 -26.81 16.64
C TRP D 488 4.52 -28.10 16.38
N SER D 489 4.39 -28.52 15.13
CA SER D 489 3.59 -29.71 14.83
C SER D 489 4.31 -31.00 15.21
N LEU D 490 5.62 -30.95 15.45
CA LEU D 490 6.29 -32.11 16.03
C LEU D 490 6.07 -32.17 17.52
N ILE D 491 5.69 -31.07 18.15
CA ILE D 491 5.36 -31.03 19.57
C ILE D 491 3.86 -31.18 19.78
N SER D 492 3.05 -30.51 18.97
CA SER D 492 1.61 -30.53 19.14
C SER D 492 0.94 -31.83 18.72
N PHE D 493 1.67 -32.78 18.17
CA PHE D 493 1.08 -34.03 17.74
C PHE D 493 1.70 -35.25 18.40
N LYS D 494 2.71 -35.06 19.22
CA LYS D 494 3.22 -36.14 20.05
C LYS D 494 2.71 -36.05 21.48
N TRP D 495 2.75 -34.87 22.08
CA TRP D 495 2.27 -34.69 23.44
C TRP D 495 0.88 -34.07 23.51
N ASN D 496 0.18 -34.00 22.38
CA ASN D 496 -1.19 -33.47 22.27
C ASN D 496 -1.32 -32.03 22.77
N ILE D 497 -0.25 -31.26 22.73
CA ILE D 497 -0.29 -29.90 23.26
C ILE D 497 -1.04 -29.02 22.28
N GLU D 498 -2.32 -28.82 22.53
CA GLU D 498 -3.14 -27.95 21.71
C GLU D 498 -2.75 -26.51 21.96
N MET D 499 -2.63 -25.73 20.89
CA MET D 499 -2.11 -24.38 21.02
C MET D 499 -3.16 -23.48 21.66
N PRO D 500 -2.79 -22.66 22.64
CA PRO D 500 -3.80 -21.91 23.40
C PRO D 500 -4.46 -20.82 22.58
N ALA D 501 -5.63 -20.40 23.04
CA ALA D 501 -6.46 -19.52 22.24
C ALA D 501 -6.05 -18.06 22.33
N LEU D 502 -5.08 -17.71 23.18
CA LEU D 502 -4.42 -16.42 22.98
C LEU D 502 -3.57 -16.43 21.74
N ILE D 503 -2.83 -17.50 21.53
CA ILE D 503 -1.85 -17.56 20.45
C ILE D 503 -2.47 -18.11 19.18
N ALA D 504 -3.42 -19.04 19.30
CA ALA D 504 -4.08 -19.56 18.12
C ALA D 504 -5.02 -18.56 17.48
N LYS D 505 -5.40 -17.50 18.20
CA LYS D 505 -6.21 -16.43 17.63
C LYS D 505 -5.40 -15.20 17.28
N SER D 506 -4.22 -15.03 17.88
CA SER D 506 -3.34 -13.94 17.49
C SER D 506 -2.72 -14.20 16.13
N ILE D 507 -2.50 -15.47 15.80
CA ILE D 507 -2.01 -15.84 14.49
C ILE D 507 -3.15 -15.86 13.49
N SER D 508 -4.33 -16.30 13.92
CA SER D 508 -5.49 -16.43 13.04
C SER D 508 -6.15 -15.12 12.70
N ILE D 509 -5.74 -14.00 13.29
CA ILE D 509 -6.35 -12.74 12.90
C ILE D 509 -5.69 -12.15 11.66
N LEU D 510 -4.42 -12.49 11.40
CA LEU D 510 -3.78 -12.09 10.16
C LEU D 510 -3.72 -13.22 9.14
N SER D 511 -3.79 -14.48 9.56
CA SER D 511 -3.75 -15.57 8.60
C SER D 511 -5.09 -15.76 7.90
N ASP D 512 -6.19 -15.31 8.50
CA ASP D 512 -7.46 -15.33 7.81
C ASP D 512 -7.52 -14.29 6.71
N ALA D 513 -6.68 -13.27 6.80
CA ALA D 513 -6.52 -12.35 5.69
C ALA D 513 -5.80 -12.99 4.53
N GLY D 514 -4.97 -14.00 4.81
CA GLY D 514 -3.89 -14.39 3.91
C GLY D 514 -4.34 -14.95 2.58
N LEU D 515 -5.47 -15.64 2.54
CA LEU D 515 -5.86 -16.28 1.29
C LEU D 515 -6.65 -15.34 0.38
N GLY D 516 -7.30 -14.33 0.94
CA GLY D 516 -8.01 -13.38 0.13
C GLY D 516 -7.14 -12.23 -0.26
N MET D 517 -6.09 -11.99 0.52
CA MET D 517 -5.09 -10.99 0.20
C MET D 517 -4.07 -11.50 -0.80
N ALA D 518 -3.86 -12.80 -0.89
CA ALA D 518 -2.94 -13.32 -1.89
C ALA D 518 -3.52 -13.21 -3.28
N MET D 519 -4.81 -13.50 -3.41
CA MET D 519 -5.49 -13.37 -4.69
C MET D 519 -5.74 -11.92 -5.06
N PHE D 520 -5.91 -11.04 -4.09
CA PHE D 520 -5.98 -9.63 -4.39
C PHE D 520 -4.62 -9.11 -4.85
N SER D 521 -3.54 -9.56 -4.19
CA SER D 521 -2.20 -9.14 -4.59
C SER D 521 -1.80 -9.73 -5.94
N LEU D 522 -2.29 -10.91 -6.28
CA LEU D 522 -1.97 -11.51 -7.57
C LEU D 522 -2.71 -10.83 -8.71
N GLY D 523 -3.90 -10.27 -8.44
CA GLY D 523 -4.60 -9.53 -9.47
C GLY D 523 -4.12 -8.11 -9.63
N LEU D 524 -3.55 -7.54 -8.57
CA LEU D 524 -2.87 -6.26 -8.69
C LEU D 524 -1.63 -6.38 -9.56
N PHE D 525 -0.97 -7.54 -9.53
CA PHE D 525 0.24 -7.71 -10.30
C PHE D 525 -0.04 -7.89 -11.78
N MET D 526 -1.13 -8.54 -12.14
CA MET D 526 -1.41 -8.71 -13.56
C MET D 526 -1.99 -7.46 -14.19
N ALA D 527 -2.38 -6.48 -13.39
CA ALA D 527 -2.80 -5.18 -13.89
C ALA D 527 -1.64 -4.22 -14.09
N LEU D 528 -0.59 -4.34 -13.26
CA LEU D 528 0.54 -3.44 -13.40
C LEU D 528 1.41 -3.79 -14.58
N ASN D 529 1.37 -5.03 -15.03
CA ASN D 529 2.14 -5.40 -16.22
C ASN D 529 1.44 -4.88 -17.48
N PRO D 530 2.20 -4.52 -18.51
CA PRO D 530 1.57 -3.97 -19.71
C PRO D 530 0.80 -5.00 -20.51
N ARG D 531 1.31 -6.22 -20.61
CA ARG D 531 0.66 -7.28 -21.37
C ARG D 531 0.57 -8.54 -20.51
N ILE D 532 -0.53 -9.26 -20.69
CA ILE D 532 -0.73 -10.50 -19.94
C ILE D 532 0.22 -11.58 -20.45
N ILE D 533 0.16 -11.88 -21.75
CA ILE D 533 1.24 -12.61 -22.40
C ILE D 533 2.36 -11.63 -22.69
N ALA D 534 3.47 -11.76 -21.98
CA ALA D 534 4.56 -10.80 -22.09
C ALA D 534 5.80 -11.37 -22.77
N CYS D 535 5.99 -12.67 -22.73
CA CYS D 535 7.23 -13.30 -23.19
C CYS D 535 7.24 -13.58 -24.68
N GLY D 536 6.18 -13.22 -25.39
CA GLY D 536 6.02 -13.65 -26.77
C GLY D 536 4.95 -14.70 -26.83
N ASN D 537 4.32 -14.91 -27.98
CA ASN D 537 3.31 -15.96 -28.07
C ASN D 537 3.93 -17.33 -28.29
N ARG D 538 5.13 -17.39 -28.84
CA ARG D 538 5.82 -18.66 -29.00
C ARG D 538 6.42 -19.16 -27.69
N ARG D 539 6.49 -18.33 -26.66
CA ARG D 539 6.95 -18.77 -25.35
C ARG D 539 5.83 -18.90 -24.34
N ALA D 540 4.69 -18.26 -24.56
CA ALA D 540 3.54 -18.53 -23.70
C ALA D 540 2.90 -19.86 -24.00
N ALA D 541 3.07 -20.38 -25.21
CA ALA D 541 2.70 -21.75 -25.51
C ALA D 541 3.76 -22.74 -25.03
N PHE D 542 4.94 -22.25 -24.69
CA PHE D 542 5.98 -23.08 -24.11
C PHE D 542 5.93 -23.09 -22.59
N ALA D 543 5.58 -21.97 -21.97
CA ALA D 543 5.41 -21.94 -20.53
C ALA D 543 4.20 -22.73 -20.09
N ALA D 544 3.18 -22.85 -20.93
CA ALA D 544 1.96 -23.57 -20.60
C ALA D 544 1.87 -24.91 -21.30
N ALA D 545 2.97 -25.41 -21.83
CA ALA D 545 3.06 -26.83 -22.19
C ALA D 545 4.00 -27.58 -21.25
N MET D 546 4.98 -26.89 -20.68
CA MET D 546 5.75 -27.48 -19.59
C MET D 546 4.90 -27.64 -18.35
N ARG D 547 3.96 -26.72 -18.12
CA ARG D 547 3.23 -26.77 -16.87
C ARG D 547 2.08 -27.78 -16.96
N PHE D 548 1.27 -27.70 -18.00
CA PHE D 548 0.03 -28.45 -18.05
C PHE D 548 0.13 -29.76 -18.83
N VAL D 549 1.25 -30.02 -19.50
CA VAL D 549 1.39 -31.30 -20.19
C VAL D 549 2.60 -32.05 -19.65
N VAL D 550 3.79 -31.43 -19.69
CA VAL D 550 5.00 -32.08 -19.22
C VAL D 550 5.00 -32.21 -17.70
N GLY D 551 4.29 -31.33 -17.02
CA GLY D 551 4.07 -31.45 -15.59
C GLY D 551 3.37 -32.72 -15.15
N PRO D 552 2.12 -32.92 -15.59
CA PRO D 552 1.42 -34.16 -15.21
C PRO D 552 1.92 -35.41 -15.90
N ALA D 553 2.45 -35.33 -17.10
CA ALA D 553 2.88 -36.56 -17.76
C ALA D 553 4.18 -37.12 -17.21
N VAL D 554 4.87 -36.38 -16.34
CA VAL D 554 6.00 -36.93 -15.60
C VAL D 554 5.62 -37.34 -14.18
N MET D 555 4.40 -37.00 -13.72
CA MET D 555 3.84 -37.67 -12.55
C MET D 555 2.91 -38.81 -12.89
N LEU D 556 2.78 -39.17 -14.15
CA LEU D 556 2.12 -40.41 -14.48
C LEU D 556 3.11 -41.53 -14.63
N VAL D 557 4.39 -41.21 -14.88
CA VAL D 557 5.45 -42.22 -14.88
C VAL D 557 6.12 -42.32 -13.53
N ALA D 558 5.86 -41.38 -12.62
CA ALA D 558 6.40 -41.42 -11.28
C ALA D 558 5.41 -41.88 -10.23
N SER D 559 4.13 -41.67 -10.41
CA SER D 559 3.09 -42.06 -9.49
C SER D 559 2.68 -43.42 -9.77
N TYR D 560 3.20 -44.04 -10.73
CA TYR D 560 2.85 -45.34 -10.97
C TYR D 560 4.03 -46.23 -10.68
N ALA D 561 5.23 -45.70 -10.68
CA ALA D 561 6.38 -46.46 -10.37
C ALA D 561 6.47 -46.52 -8.95
N VAL D 562 5.92 -45.60 -8.24
CA VAL D 562 5.91 -45.76 -6.79
C VAL D 562 4.86 -46.77 -6.38
N GLY D 563 3.67 -46.69 -6.96
CA GLY D 563 2.64 -47.65 -6.64
C GLY D 563 1.31 -47.02 -6.28
N LEU D 564 1.10 -45.77 -6.67
CA LEU D 564 -0.16 -45.10 -6.39
C LEU D 564 -1.23 -45.60 -7.36
N ARG D 565 -2.42 -45.88 -6.88
CA ARG D 565 -3.53 -46.20 -7.76
C ARG D 565 -4.80 -45.70 -7.14
N GLY D 566 -5.85 -45.64 -7.91
CA GLY D 566 -7.16 -45.22 -7.43
C GLY D 566 -7.26 -43.72 -7.36
N VAL D 567 -7.59 -43.21 -6.17
CA VAL D 567 -7.79 -41.78 -6.03
C VAL D 567 -6.46 -41.07 -5.79
N LEU D 568 -5.50 -41.74 -5.13
CA LEU D 568 -4.20 -41.13 -4.91
C LEU D 568 -3.40 -40.97 -6.19
N LEU D 569 -3.68 -41.77 -7.22
CA LEU D 569 -3.15 -41.47 -8.54
C LEU D 569 -3.83 -40.25 -9.11
N HIS D 570 -5.12 -40.10 -8.86
CA HIS D 570 -5.86 -39.01 -9.47
C HIS D 570 -5.59 -37.70 -8.77
N VAL D 571 -5.33 -37.73 -7.45
CA VAL D 571 -4.94 -36.52 -6.75
C VAL D 571 -3.55 -36.07 -7.20
N ALA D 572 -2.66 -37.04 -7.45
CA ALA D 572 -1.28 -36.71 -7.78
C ALA D 572 -1.15 -36.11 -9.17
N ILE D 573 -1.97 -36.52 -10.11
CA ILE D 573 -1.89 -35.96 -11.46
C ILE D 573 -2.52 -34.57 -11.51
N ILE D 574 -3.63 -34.38 -10.79
CA ILE D 574 -4.33 -33.10 -10.82
C ILE D 574 -3.56 -32.03 -10.05
N GLN D 575 -2.84 -32.41 -8.99
CA GLN D 575 -2.03 -31.42 -8.32
C GLN D 575 -0.81 -31.00 -9.13
N ALA D 576 -0.36 -31.85 -10.05
CA ALA D 576 0.75 -31.49 -10.88
C ALA D 576 0.37 -30.51 -11.97
N ALA D 577 -0.91 -30.42 -12.32
CA ALA D 577 -1.40 -29.55 -13.38
C ALA D 577 -1.86 -28.20 -12.85
N LEU D 578 -1.53 -27.88 -11.61
CA LEU D 578 -1.85 -26.60 -11.06
C LEU D 578 -0.98 -25.53 -11.74
N PRO D 579 -1.44 -24.27 -11.75
CA PRO D 579 -0.62 -23.22 -12.37
C PRO D 579 0.63 -22.89 -11.60
N GLN D 580 1.44 -21.98 -12.14
CA GLN D 580 2.78 -21.77 -11.66
C GLN D 580 2.79 -21.10 -10.30
N GLY D 581 3.62 -21.62 -9.39
CA GLY D 581 3.75 -21.03 -8.09
C GLY D 581 4.42 -19.68 -8.15
N ILE D 582 4.15 -18.83 -7.18
CA ILE D 582 4.63 -17.44 -7.23
C ILE D 582 5.97 -17.27 -6.65
N VAL D 583 6.36 -18.06 -5.74
CA VAL D 583 7.73 -18.06 -5.21
C VAL D 583 8.78 -18.44 -6.27
N PRO D 584 8.53 -19.35 -7.24
CA PRO D 584 9.45 -19.43 -8.37
C PRO D 584 9.55 -18.18 -9.23
N PHE D 585 8.52 -17.32 -9.25
CA PHE D 585 8.63 -16.06 -9.96
C PHE D 585 9.42 -15.03 -9.16
N VAL D 586 9.23 -15.01 -7.84
CA VAL D 586 9.90 -14.04 -6.97
C VAL D 586 11.41 -14.21 -7.02
N PHE D 587 11.90 -15.43 -7.18
CA PHE D 587 13.33 -15.63 -7.41
C PHE D 587 13.73 -15.17 -8.80
N ALA D 588 12.88 -15.37 -9.79
CA ALA D 588 13.26 -14.99 -11.14
C ALA D 588 13.21 -13.50 -11.37
N LYS D 589 12.44 -12.78 -10.56
CA LYS D 589 12.46 -11.31 -10.65
C LYS D 589 13.75 -10.76 -10.05
N GLU D 590 14.21 -11.33 -8.95
CA GLU D 590 15.40 -10.82 -8.27
C GLU D 590 16.66 -11.11 -9.07
N TYR D 591 16.73 -12.28 -9.70
CA TYR D 591 17.96 -12.71 -10.33
C TYR D 591 17.98 -12.50 -11.83
N ASN D 592 16.86 -12.05 -12.41
CA ASN D 592 16.68 -11.83 -13.86
C ASN D 592 16.98 -13.09 -14.68
N VAL D 593 16.49 -14.22 -14.19
CA VAL D 593 16.54 -15.47 -14.94
C VAL D 593 15.14 -15.65 -15.50
N HIS D 594 14.94 -15.11 -16.70
CA HIS D 594 13.72 -15.08 -17.50
C HIS D 594 12.51 -14.60 -16.71
N PRO D 595 12.43 -13.32 -16.34
CA PRO D 595 11.30 -12.86 -15.55
C PRO D 595 10.03 -12.65 -16.35
N ASP D 596 10.07 -12.85 -17.67
CA ASP D 596 8.87 -12.75 -18.48
C ASP D 596 8.16 -14.08 -18.65
N ILE D 597 8.92 -15.17 -18.81
CA ILE D 597 8.30 -16.49 -18.93
C ILE D 597 7.71 -16.91 -17.59
N LEU D 598 8.36 -16.56 -16.51
CA LEU D 598 7.84 -16.91 -15.19
C LEU D 598 6.86 -15.89 -14.65
N SER D 599 6.54 -14.84 -15.39
CA SER D 599 5.40 -13.99 -15.08
C SER D 599 4.23 -14.21 -16.00
N THR D 600 4.49 -14.64 -17.24
CA THR D 600 3.43 -15.18 -18.08
C THR D 600 2.80 -16.41 -17.44
N ALA D 601 3.63 -17.36 -17.01
CA ALA D 601 3.14 -18.63 -16.50
C ALA D 601 2.39 -18.50 -15.20
N VAL D 602 2.68 -17.49 -14.40
CA VAL D 602 1.86 -17.23 -13.22
C VAL D 602 0.53 -16.63 -13.63
N ILE D 603 0.57 -15.60 -14.47
CA ILE D 603 -0.63 -14.81 -14.78
C ILE D 603 -1.51 -15.55 -15.77
N PHE D 604 -0.95 -15.93 -16.92
CA PHE D 604 -1.71 -16.68 -17.91
C PHE D 604 -2.00 -18.09 -17.46
N GLY D 605 -1.23 -18.62 -16.51
CA GLY D 605 -1.52 -19.93 -15.98
C GLY D 605 -2.77 -19.94 -15.12
N MET D 606 -2.98 -18.89 -14.32
CA MET D 606 -4.17 -18.76 -13.49
C MET D 606 -5.43 -18.70 -14.33
N LEU D 607 -5.38 -18.02 -15.46
CA LEU D 607 -6.57 -17.78 -16.26
C LEU D 607 -7.04 -19.04 -16.97
N ILE D 608 -6.15 -19.97 -17.29
CA ILE D 608 -6.52 -21.25 -17.85
C ILE D 608 -6.37 -22.38 -16.86
N ALA D 609 -6.19 -22.07 -15.58
CA ALA D 609 -6.00 -23.12 -14.57
C ALA D 609 -7.26 -23.91 -14.37
N LEU D 610 -8.39 -23.22 -14.29
CA LEU D 610 -9.65 -23.89 -13.97
C LEU D 610 -10.16 -24.76 -15.12
N PRO D 611 -10.22 -24.34 -16.39
CA PRO D 611 -10.68 -25.27 -17.41
C PRO D 611 -9.69 -26.34 -17.83
N ILE D 612 -8.47 -26.37 -17.29
CA ILE D 612 -7.54 -27.47 -17.55
C ILE D 612 -7.61 -28.52 -16.45
N THR D 613 -7.59 -28.11 -15.19
CA THR D 613 -7.71 -29.07 -14.10
C THR D 613 -9.10 -29.69 -14.05
N LEU D 614 -10.13 -28.97 -14.49
CA LEU D 614 -11.42 -29.61 -14.70
C LEU D 614 -11.41 -30.53 -15.89
N LEU D 615 -10.50 -30.34 -16.84
CA LEU D 615 -10.43 -31.28 -17.94
C LEU D 615 -9.73 -32.57 -17.53
N TYR D 616 -8.85 -32.50 -16.54
CA TYR D 616 -8.25 -33.71 -16.01
C TYR D 616 -9.26 -34.41 -15.13
N TYR D 617 -10.05 -33.64 -14.38
CA TYR D 617 -11.02 -34.20 -13.44
C TYR D 617 -12.15 -34.93 -14.14
N ILE D 618 -12.35 -34.64 -15.42
CA ILE D 618 -13.32 -35.39 -16.21
C ILE D 618 -12.67 -36.58 -16.89
N LEU D 619 -11.46 -36.43 -17.42
CA LEU D 619 -10.83 -37.51 -18.15
C LEU D 619 -10.29 -38.60 -17.24
N LEU D 620 -9.93 -38.27 -16.00
CA LEU D 620 -9.40 -39.30 -15.11
C LEU D 620 -10.49 -40.23 -14.59
N GLY D 621 -11.64 -39.69 -14.24
CA GLY D 621 -12.71 -40.53 -13.76
C GLY D 621 -13.40 -41.38 -14.80
N LEU D 622 -13.11 -41.17 -16.08
CA LEU D 622 -13.71 -41.94 -17.15
C LEU D 622 -12.78 -43.06 -17.62
#